data_6SUA
#
_entry.id   6SUA
#
_cell.length_a   105.039
_cell.length_b   107.737
_cell.length_c   133.872
_cell.angle_alpha   90.000
_cell.angle_beta   90.000
_cell.angle_gamma   90.000
#
_symmetry.space_group_name_H-M   'P 21 21 2'
#
loop_
_entity.id
_entity.type
_entity.pdbx_description
1 polymer 'Neutrophil gelatinase-associated lipocalin'
2 polymer '4F2 cell-surface antigen heavy chain'
3 non-polymer 'SULFATE ION'
4 water water
#
loop_
_entity_poly.entity_id
_entity_poly.type
_entity_poly.pdbx_seq_one_letter_code
_entity_poly.pdbx_strand_id
1 'polypeptide(L)'
;QDSTSDLIPAPPLSKVPLQQNFQDNQFHGKWYVVGLAGNGNLREDKDPLKMYATIYELKEDKSYNVTDVLFIDKKCHYLI
NTFVPGSQPGEFTLGSIKSTLGSTSRLVRVVSTNYNQHAMVFFKWVHQNREWFYITLYGRTKELTSELKENFIRFSKSLG
LPENHIVFPVPIDQCIDGSAHHHHHH
;
A,C
2 'polypeptide(L)'
;ASWSHPQFEKGAELPVQRWWHKGALYRIGDLQAFVGRDAGGIAGLKSHLEYLSTLKVKGLVLGPIHKNQKDEINETDLKQ
INPTLGSQEDFKDLLQSAKKKSIHIILDLTPNYQGQNAWFLPAQADIVATKMKEALSSWLQDGVDGFQFRDVGKLMNAPL
YLAEWQNITKNLSEDRLLIAGTESSDLQQIVNILESTSDLLLTSSYLSNSTFTGERTESLVTRFLNATGSQWCSWSVSQA
GLLADFIPDHLLRLYQLLLFTLPGTPVFSYGDELGLQGALPGQPAKAPLMPWNESSIFHIPRPVSLNMTVKGQNEDPGSL
LTQFRRLSDLRGKERSLLHGDFHALSSSPDLFSYIRHWDQNERYLVVLNFRDSGRSARLGASNLPAGISLPASAKLLLST
DSARQSREEDTSLKLENLSLNPYEGLLLQFPFVA
;
B,D
#
# COMPACT_ATOMS: atom_id res chain seq x y z
N SER A 5 -33.52 33.92 -30.56
CA SER A 5 -32.15 34.02 -29.98
C SER A 5 -32.23 34.09 -28.45
N ASP A 6 -32.42 35.31 -27.91
CA ASP A 6 -32.39 35.61 -26.44
C ASP A 6 -33.83 35.80 -25.93
N LEU A 7 -34.11 35.36 -24.70
CA LEU A 7 -35.40 35.63 -23.97
C LEU A 7 -35.52 37.14 -23.75
N ILE A 8 -34.47 37.74 -23.18
CA ILE A 8 -34.31 39.20 -22.91
C ILE A 8 -33.11 39.69 -23.72
N PRO A 9 -33.34 40.33 -24.89
CA PRO A 9 -32.29 40.48 -25.91
C PRO A 9 -31.17 41.43 -25.48
N ALA A 10 -30.01 41.32 -26.14
CA ALA A 10 -28.79 42.12 -25.87
C ALA A 10 -28.83 43.41 -26.68
N PRO A 11 -28.22 44.51 -26.20
CA PRO A 11 -28.08 45.73 -26.98
C PRO A 11 -26.86 45.64 -27.90
N PRO A 12 -26.83 46.35 -29.05
CA PRO A 12 -25.59 46.49 -29.82
C PRO A 12 -24.56 47.29 -29.02
N LEU A 13 -23.27 47.03 -29.25
CA LEU A 13 -22.14 47.75 -28.59
C LEU A 13 -22.08 49.21 -29.06
N SER A 14 -22.72 49.52 -30.20
CA SER A 14 -22.89 50.90 -30.73
C SER A 14 -23.75 51.74 -29.77
N LYS A 15 -24.55 51.10 -28.90
CA LYS A 15 -25.46 51.76 -27.93
C LYS A 15 -24.89 51.68 -26.51
N VAL A 16 -23.61 51.28 -26.36
CA VAL A 16 -22.87 51.20 -25.07
C VAL A 16 -21.73 52.21 -25.11
N PRO A 17 -21.78 53.32 -24.32
CA PRO A 17 -20.70 54.30 -24.31
C PRO A 17 -19.37 53.73 -23.78
N LEU A 18 -18.26 54.33 -24.19
CA LEU A 18 -16.88 54.02 -23.72
C LEU A 18 -16.33 55.26 -23.02
N GLN A 19 -15.90 55.11 -21.76
CA GLN A 19 -15.21 56.17 -20.96
C GLN A 19 -14.07 56.74 -21.80
N GLN A 20 -14.13 58.04 -22.14
CA GLN A 20 -13.13 58.74 -22.97
C GLN A 20 -11.80 58.81 -22.21
N ASN A 21 -10.68 58.65 -22.94
CA ASN A 21 -9.31 58.86 -22.41
C ASN A 21 -9.17 58.07 -21.11
N PHE A 22 -9.35 56.75 -21.17
CA PHE A 22 -9.36 55.83 -20.02
C PHE A 22 -7.96 55.77 -19.39
N GLN A 23 -7.85 56.17 -18.13
CA GLN A 23 -6.60 56.13 -17.33
C GLN A 23 -6.53 54.78 -16.59
N ASP A 24 -5.84 53.80 -17.19
CA ASP A 24 -5.78 52.40 -16.67
C ASP A 24 -5.08 52.38 -15.31
N ASN A 25 -4.26 53.38 -15.00
CA ASN A 25 -3.53 53.51 -13.72
C ASN A 25 -4.49 54.02 -12.63
N GLN A 26 -5.24 55.09 -12.91
CA GLN A 26 -6.21 55.71 -11.95
C GLN A 26 -7.33 54.71 -11.60
N PHE A 27 -7.62 53.76 -12.49
CA PHE A 27 -8.73 52.77 -12.36
C PHE A 27 -8.29 51.58 -11.50
N HIS A 28 -6.99 51.43 -11.25
CA HIS A 28 -6.40 50.24 -10.57
C HIS A 28 -6.93 50.14 -9.13
N GLY A 29 -6.76 48.96 -8.51
CA GLY A 29 -7.09 48.69 -7.11
C GLY A 29 -8.47 48.08 -6.96
N LYS A 30 -9.04 48.20 -5.75
CA LYS A 30 -10.23 47.47 -5.26
C LYS A 30 -11.51 48.26 -5.57
N TRP A 31 -12.51 47.58 -6.13
CA TRP A 31 -13.89 48.09 -6.34
C TRP A 31 -14.89 47.14 -5.66
N TYR A 32 -15.87 47.69 -4.93
CA TYR A 32 -17.03 46.95 -4.37
C TYR A 32 -18.17 47.01 -5.39
N VAL A 33 -18.89 45.89 -5.57
CA VAL A 33 -20.03 45.81 -6.52
C VAL A 33 -21.30 46.25 -5.78
N VAL A 34 -21.64 47.54 -5.92
CA VAL A 34 -22.79 48.20 -5.25
C VAL A 34 -24.09 47.87 -6.02
N GLY A 35 -23.99 47.78 -7.35
CA GLY A 35 -25.12 47.45 -8.24
C GLY A 35 -24.72 46.44 -9.31
N LEU A 36 -25.67 45.59 -9.71
CA LEU A 36 -25.52 44.58 -10.78
C LEU A 36 -26.86 44.42 -11.52
N ALA A 37 -26.82 44.44 -12.85
CA ALA A 37 -27.97 44.21 -13.75
C ALA A 37 -27.51 43.31 -14.91
N GLY A 38 -28.43 42.55 -15.52
CA GLY A 38 -28.12 41.68 -16.67
C GLY A 38 -29.21 40.66 -16.96
N ASN A 39 -29.13 40.01 -18.12
CA ASN A 39 -30.13 39.04 -18.64
C ASN A 39 -29.78 37.62 -18.18
N GLY A 40 -28.69 37.45 -17.42
CA GLY A 40 -28.28 36.16 -16.84
C GLY A 40 -28.71 36.03 -15.38
N ASN A 41 -28.13 35.06 -14.67
CA ASN A 41 -28.36 34.84 -13.21
C ASN A 41 -27.87 36.07 -12.45
N LEU A 42 -28.61 36.49 -11.42
CA LEU A 42 -28.28 37.62 -10.52
C LEU A 42 -28.19 37.13 -9.07
N ARG A 43 -28.12 35.81 -8.85
CA ARG A 43 -28.01 35.17 -7.51
C ARG A 43 -27.06 33.97 -7.57
N GLU A 44 -26.30 33.75 -6.50
CA GLU A 44 -25.38 32.59 -6.32
C GLU A 44 -26.12 31.46 -5.59
N ASP A 45 -26.96 31.82 -4.59
CA ASP A 45 -27.76 30.88 -3.78
C ASP A 45 -29.25 31.24 -3.90
N LYS A 46 -30.04 30.94 -2.87
CA LYS A 46 -31.53 31.01 -2.89
C LYS A 46 -31.98 32.41 -2.50
N ASP A 47 -31.12 33.16 -1.79
CA ASP A 47 -31.35 34.55 -1.32
C ASP A 47 -30.74 35.54 -2.32
N PRO A 48 -31.12 36.84 -2.27
CA PRO A 48 -30.48 37.86 -3.11
C PRO A 48 -28.94 37.83 -3.01
N LEU A 49 -28.27 38.15 -4.12
CA LEU A 49 -26.78 38.08 -4.23
C LEU A 49 -26.16 39.03 -3.21
N LYS A 50 -25.18 38.54 -2.44
CA LYS A 50 -24.42 39.32 -1.44
C LYS A 50 -23.24 40.00 -2.15
N MET A 51 -22.90 41.21 -1.71
CA MET A 51 -21.83 42.06 -2.29
C MET A 51 -20.52 41.26 -2.40
N TYR A 52 -19.78 41.48 -3.49
CA TYR A 52 -18.41 40.99 -3.71
C TYR A 52 -17.51 42.17 -4.09
N ALA A 53 -16.20 41.93 -4.15
CA ALA A 53 -15.17 42.92 -4.50
C ALA A 53 -14.34 42.41 -5.68
N THR A 54 -13.98 43.30 -6.60
CA THR A 54 -13.11 43.02 -7.78
C THR A 54 -11.88 43.94 -7.68
N ILE A 55 -10.69 43.35 -7.75
CA ILE A 55 -9.38 44.09 -7.72
C ILE A 55 -8.78 44.06 -9.12
N TYR A 56 -8.64 45.23 -9.76
CA TYR A 56 -7.95 45.43 -11.06
C TYR A 56 -6.49 45.79 -10.78
N GLU A 57 -5.59 44.82 -10.97
CA GLU A 57 -4.12 44.96 -10.75
C GLU A 57 -3.45 45.12 -12.13
N LEU A 58 -3.02 46.34 -12.47
CA LEU A 58 -2.41 46.67 -13.80
C LEU A 58 -1.01 46.04 -13.89
N LYS A 59 -0.81 45.13 -14.85
CA LYS A 59 0.50 44.48 -15.15
C LYS A 59 1.32 45.40 -16.05
N GLU A 60 2.56 45.00 -16.37
CA GLU A 60 3.52 45.80 -17.18
C GLU A 60 3.08 45.83 -18.65
N ASP A 61 2.49 44.73 -19.14
CA ASP A 61 1.98 44.59 -20.54
C ASP A 61 0.61 45.24 -20.68
N LYS A 62 0.15 45.96 -19.65
CA LYS A 62 -1.07 46.82 -19.63
C LYS A 62 -2.33 45.98 -19.84
N SER A 63 -2.29 44.70 -19.45
CA SER A 63 -3.48 43.86 -19.15
C SER A 63 -3.76 43.93 -17.65
N TYR A 64 -4.97 43.54 -17.23
CA TYR A 64 -5.38 43.50 -15.80
C TYR A 64 -5.36 42.05 -15.29
N ASN A 65 -4.68 41.82 -14.17
CA ASN A 65 -4.90 40.66 -13.28
C ASN A 65 -6.13 41.00 -12.42
N VAL A 66 -7.30 40.51 -12.82
CA VAL A 66 -8.60 40.81 -12.13
C VAL A 66 -8.90 39.68 -11.14
N THR A 67 -9.11 40.03 -9.87
CA THR A 67 -9.37 39.09 -8.76
C THR A 67 -10.73 39.41 -8.13
N ASP A 68 -11.73 38.54 -8.34
CA ASP A 68 -13.07 38.63 -7.70
C ASP A 68 -12.98 37.97 -6.32
N VAL A 69 -13.32 38.73 -5.27
CA VAL A 69 -13.30 38.26 -3.85
C VAL A 69 -14.72 37.82 -3.49
N LEU A 70 -14.91 36.53 -3.23
CA LEU A 70 -16.25 35.90 -3.05
C LEU A 70 -16.36 35.22 -1.68
N PHE A 71 -17.49 35.43 -1.00
CA PHE A 71 -17.91 34.73 0.23
C PHE A 71 -18.92 33.65 -0.15
N ILE A 72 -18.45 32.42 -0.36
CA ILE A 72 -19.30 31.25 -0.79
C ILE A 72 -19.05 30.07 0.14
N ASP A 73 -20.14 29.45 0.62
CA ASP A 73 -20.14 28.26 1.54
C ASP A 73 -19.24 28.56 2.75
N LYS A 74 -19.40 29.77 3.31
CA LYS A 74 -18.80 30.20 4.61
C LYS A 74 -17.27 30.17 4.54
N LYS A 75 -16.69 30.49 3.37
CA LYS A 75 -15.22 30.66 3.17
C LYS A 75 -14.98 31.71 2.07
N CYS A 76 -13.78 32.28 2.05
CA CYS A 76 -13.32 33.24 1.00
C CYS A 76 -12.76 32.46 -0.20
N HIS A 77 -13.26 32.77 -1.40
CA HIS A 77 -12.81 32.18 -2.69
C HIS A 77 -12.44 33.31 -3.66
N TYR A 78 -11.44 33.05 -4.51
CA TYR A 78 -10.79 34.07 -5.38
C TYR A 78 -10.78 33.56 -6.83
N LEU A 79 -11.57 34.20 -7.70
CA LEU A 79 -11.51 34.01 -9.18
C LEU A 79 -10.44 34.93 -9.74
N ILE A 80 -9.37 34.37 -10.33
CA ILE A 80 -8.25 35.12 -10.96
C ILE A 80 -8.36 34.98 -12.48
N ASN A 81 -8.49 36.10 -13.20
CA ASN A 81 -8.67 36.13 -14.66
C ASN A 81 -7.81 37.25 -15.26
N THR A 82 -7.64 37.25 -16.58
CA THR A 82 -6.81 38.21 -17.34
C THR A 82 -7.69 38.97 -18.34
N PHE A 83 -7.85 40.26 -18.13
CA PHE A 83 -8.53 41.21 -19.04
C PHE A 83 -7.48 41.75 -20.02
N VAL A 84 -7.36 41.15 -21.21
CA VAL A 84 -6.38 41.55 -22.26
C VAL A 84 -6.98 42.74 -23.03
N PRO A 85 -6.19 43.79 -23.37
CA PRO A 85 -6.74 44.98 -24.03
C PRO A 85 -7.31 44.66 -25.43
N GLY A 86 -8.33 45.43 -25.84
CA GLY A 86 -8.99 45.33 -27.16
C GLY A 86 -8.53 46.44 -28.08
N SER A 87 -9.41 46.88 -29.00
CA SER A 87 -9.16 47.97 -29.98
C SER A 87 -8.75 49.25 -29.25
N GLN A 88 -9.67 49.86 -28.51
CA GLN A 88 -9.45 51.15 -27.78
C GLN A 88 -9.04 50.84 -26.33
N PRO A 89 -8.46 51.81 -25.60
CA PRO A 89 -8.25 51.67 -24.16
C PRO A 89 -9.60 51.76 -23.42
N GLY A 90 -9.76 50.94 -22.36
CA GLY A 90 -11.01 50.82 -21.59
C GLY A 90 -11.83 49.61 -22.00
N GLU A 91 -11.53 49.06 -23.19
CA GLU A 91 -12.10 47.77 -23.69
C GLU A 91 -11.10 46.64 -23.41
N PHE A 92 -11.60 45.44 -23.09
CA PHE A 92 -10.78 44.23 -22.82
C PHE A 92 -11.50 43.00 -23.37
N THR A 93 -10.75 41.91 -23.56
CA THR A 93 -11.24 40.57 -23.99
C THR A 93 -10.87 39.54 -22.91
N LEU A 94 -11.37 38.31 -23.03
CA LEU A 94 -11.13 37.20 -22.07
C LEU A 94 -10.94 35.88 -22.83
N GLY A 95 -9.92 35.11 -22.47
CA GLY A 95 -9.60 33.80 -23.08
C GLY A 95 -8.90 33.97 -24.42
N SER A 96 -8.71 32.86 -25.14
CA SER A 96 -8.04 32.81 -26.48
C SER A 96 -9.04 33.20 -27.57
N ILE A 97 -8.74 34.28 -28.31
CA ILE A 97 -9.62 34.85 -29.38
C ILE A 97 -9.43 34.02 -30.66
N LYS A 98 -10.54 33.49 -31.20
CA LYS A 98 -10.58 32.60 -32.39
C LYS A 98 -10.67 33.42 -33.70
N SER A 99 -11.80 34.13 -33.87
CA SER A 99 -12.14 34.89 -35.10
C SER A 99 -11.95 36.39 -34.83
N THR A 100 -12.24 37.24 -35.83
CA THR A 100 -12.27 38.73 -35.71
C THR A 100 -13.72 39.18 -35.50
N LEU A 101 -14.70 38.41 -36.01
CA LEU A 101 -16.15 38.55 -35.71
C LEU A 101 -16.41 38.12 -34.25
N GLY A 102 -15.81 37.01 -33.83
CA GLY A 102 -15.92 36.45 -32.46
C GLY A 102 -14.82 36.95 -31.54
N SER A 103 -14.14 38.05 -31.88
CA SER A 103 -13.15 38.77 -31.03
C SER A 103 -13.90 39.66 -30.02
N THR A 104 -15.19 39.91 -30.27
CA THR A 104 -16.09 40.75 -29.46
C THR A 104 -16.99 39.85 -28.59
N SER A 105 -16.85 38.53 -28.67
CA SER A 105 -17.75 37.53 -28.05
C SER A 105 -17.59 37.54 -26.52
N ARG A 106 -16.35 37.51 -26.03
CA ARG A 106 -16.01 37.68 -24.59
C ARG A 106 -15.30 39.03 -24.42
N LEU A 107 -16.03 40.07 -24.01
CA LEU A 107 -15.52 41.47 -23.96
C LEU A 107 -16.02 42.20 -22.71
N VAL A 108 -15.16 43.06 -22.15
CA VAL A 108 -15.45 44.00 -21.02
C VAL A 108 -15.23 45.44 -21.54
N ARG A 109 -16.12 46.38 -21.17
CA ARG A 109 -16.02 47.80 -21.60
C ARG A 109 -16.39 48.72 -20.43
N VAL A 110 -15.48 49.62 -20.05
CA VAL A 110 -15.69 50.66 -19.00
C VAL A 110 -16.51 51.79 -19.61
N VAL A 111 -17.75 51.99 -19.12
CA VAL A 111 -18.71 52.98 -19.68
C VAL A 111 -18.35 54.38 -19.15
N SER A 112 -18.37 54.56 -17.83
CA SER A 112 -18.02 55.85 -17.15
C SER A 112 -17.39 55.58 -15.78
N THR A 113 -16.52 56.50 -15.33
CA THR A 113 -15.86 56.48 -14.00
C THR A 113 -15.19 57.84 -13.73
N ASN A 114 -15.17 58.26 -12.46
CA ASN A 114 -14.36 59.40 -11.95
C ASN A 114 -13.15 58.85 -11.17
N TYR A 115 -12.96 57.53 -11.19
CA TYR A 115 -11.73 56.79 -10.80
C TYR A 115 -11.61 56.62 -9.28
N ASN A 116 -12.10 57.56 -8.46
CA ASN A 116 -11.85 57.56 -7.00
C ASN A 116 -13.16 57.52 -6.20
N GLN A 117 -14.31 57.27 -6.86
CA GLN A 117 -15.63 57.12 -6.18
C GLN A 117 -16.45 56.02 -6.87
N HIS A 118 -16.90 56.25 -8.10
CA HIS A 118 -17.84 55.36 -8.83
C HIS A 118 -17.26 54.93 -10.19
N ALA A 119 -17.78 53.84 -10.75
CA ALA A 119 -17.47 53.32 -12.10
C ALA A 119 -18.63 52.43 -12.59
N MET A 120 -18.86 52.40 -13.90
CA MET A 120 -19.85 51.53 -14.58
C MET A 120 -19.14 50.74 -15.69
N VAL A 121 -19.21 49.41 -15.64
CA VAL A 121 -18.49 48.49 -16.56
C VAL A 121 -19.49 47.51 -17.19
N PHE A 122 -19.46 47.41 -18.53
CA PHE A 122 -20.33 46.52 -19.35
C PHE A 122 -19.57 45.22 -19.64
N PHE A 123 -20.25 44.08 -19.47
CA PHE A 123 -19.73 42.72 -19.79
C PHE A 123 -20.57 42.12 -20.93
N LYS A 124 -19.91 41.59 -21.96
CA LYS A 124 -20.53 40.78 -23.04
C LYS A 124 -19.92 39.38 -23.01
N TRP A 125 -20.75 38.34 -23.02
CA TRP A 125 -20.33 36.91 -23.08
C TRP A 125 -21.33 36.12 -23.93
N VAL A 126 -20.91 35.70 -25.12
CA VAL A 126 -21.72 34.85 -26.04
C VAL A 126 -21.70 33.41 -25.51
N HIS A 127 -22.83 32.72 -25.62
CA HIS A 127 -23.04 31.32 -25.18
C HIS A 127 -24.09 30.68 -26.08
N GLN A 128 -23.66 29.97 -27.14
CA GLN A 128 -24.54 29.19 -28.05
C GLN A 128 -25.62 30.12 -28.64
N ASN A 129 -25.19 31.08 -29.49
CA ASN A 129 -26.06 31.96 -30.31
C ASN A 129 -26.90 32.89 -29.40
N ARG A 130 -26.48 33.05 -28.15
CA ARG A 130 -27.10 33.95 -27.15
C ARG A 130 -25.99 34.79 -26.52
N GLU A 131 -26.33 35.99 -26.06
CA GLU A 131 -25.40 36.94 -25.42
C GLU A 131 -25.88 37.23 -23.98
N TRP A 132 -25.07 36.82 -22.99
CA TRP A 132 -25.10 37.39 -21.62
C TRP A 132 -24.52 38.81 -21.69
N PHE A 133 -25.27 39.79 -21.20
CA PHE A 133 -24.77 41.18 -20.99
C PHE A 133 -25.10 41.58 -19.55
N TYR A 134 -24.13 42.21 -18.88
CA TYR A 134 -24.24 42.70 -17.48
C TYR A 134 -23.74 44.14 -17.43
N ILE A 135 -24.27 44.93 -16.51
CA ILE A 135 -23.73 46.26 -16.12
C ILE A 135 -23.38 46.19 -14.63
N THR A 136 -22.09 46.34 -14.30
CA THR A 136 -21.57 46.39 -12.91
C THR A 136 -21.43 47.86 -12.50
N LEU A 137 -22.12 48.25 -11.42
CA LEU A 137 -21.92 49.57 -10.74
C LEU A 137 -20.90 49.37 -9.62
N TYR A 138 -19.67 49.86 -9.83
CA TYR A 138 -18.53 49.74 -8.89
C TYR A 138 -18.49 50.96 -7.96
N GLY A 139 -18.07 50.74 -6.71
CA GLY A 139 -17.79 51.80 -5.73
C GLY A 139 -16.50 51.51 -4.96
N ARG A 140 -15.75 52.56 -4.58
CA ARG A 140 -14.52 52.45 -3.74
C ARG A 140 -14.92 52.21 -2.28
N THR A 141 -16.15 52.59 -1.92
CA THR A 141 -16.84 52.21 -0.66
C THR A 141 -18.04 51.32 -1.03
N LYS A 142 -18.70 50.73 -0.02
CA LYS A 142 -19.87 49.83 -0.20
C LYS A 142 -21.15 50.66 -0.42
N GLU A 143 -21.10 51.95 -0.08
CA GLU A 143 -22.24 52.90 -0.21
C GLU A 143 -22.00 53.82 -1.42
N LEU A 144 -23.07 54.15 -2.15
CA LEU A 144 -23.12 55.21 -3.18
C LEU A 144 -24.49 55.93 -3.08
N THR A 145 -24.54 57.21 -3.47
CA THR A 145 -25.73 58.10 -3.30
C THR A 145 -26.89 57.61 -4.17
N SER A 146 -28.11 58.05 -3.85
CA SER A 146 -29.37 57.70 -4.56
C SER A 146 -29.29 58.12 -6.03
N GLU A 147 -28.62 59.24 -6.33
CA GLU A 147 -28.47 59.79 -7.70
C GLU A 147 -27.68 58.81 -8.56
N LEU A 148 -26.53 58.32 -8.06
CA LEU A 148 -25.62 57.38 -8.76
C LEU A 148 -26.35 56.04 -8.97
N LYS A 149 -27.06 55.56 -7.93
CA LYS A 149 -27.88 54.32 -7.96
C LYS A 149 -29.05 54.49 -8.94
N GLU A 150 -29.60 55.71 -9.05
CA GLU A 150 -30.72 56.05 -9.97
C GLU A 150 -30.18 56.10 -11.41
N ASN A 151 -28.99 56.69 -11.62
CA ASN A 151 -28.31 56.76 -12.94
C ASN A 151 -28.12 55.33 -13.48
N PHE A 152 -27.76 54.39 -12.59
CA PHE A 152 -27.48 52.97 -12.92
C PHE A 152 -28.76 52.28 -13.43
N ILE A 153 -29.90 52.53 -12.77
CA ILE A 153 -31.23 51.96 -13.15
C ILE A 153 -31.61 52.52 -14.53
N ARG A 154 -31.55 53.85 -14.69
CA ARG A 154 -31.88 54.58 -15.95
C ARG A 154 -31.07 53.98 -17.10
N PHE A 155 -29.76 53.82 -16.94
CA PHE A 155 -28.82 53.27 -17.95
C PHE A 155 -29.12 51.78 -18.19
N SER A 156 -29.37 51.03 -17.11
CA SER A 156 -29.74 49.59 -17.16
C SER A 156 -31.00 49.41 -18.00
N LYS A 157 -32.04 50.20 -17.70
CA LYS A 157 -33.37 50.17 -18.38
C LYS A 157 -33.21 50.58 -19.85
N SER A 158 -32.28 51.51 -20.15
CA SER A 158 -32.06 52.08 -21.51
C SER A 158 -31.49 51.02 -22.47
N LEU A 159 -30.85 49.97 -21.93
CA LEU A 159 -30.23 48.86 -22.72
C LEU A 159 -31.19 47.65 -22.78
N GLY A 160 -32.43 47.81 -22.30
CA GLY A 160 -33.53 46.84 -22.47
C GLY A 160 -33.63 45.84 -21.34
N LEU A 161 -33.30 46.26 -20.11
CA LEU A 161 -33.40 45.41 -18.88
C LEU A 161 -34.61 45.87 -18.06
N PRO A 162 -35.53 44.96 -17.69
CA PRO A 162 -36.58 45.28 -16.71
C PRO A 162 -36.00 45.57 -15.31
N GLU A 163 -36.83 46.14 -14.43
CA GLU A 163 -36.47 46.53 -13.04
C GLU A 163 -36.11 45.28 -12.22
N ASN A 164 -36.76 44.15 -12.47
CA ASN A 164 -36.58 42.88 -11.70
C ASN A 164 -35.28 42.18 -12.13
N HIS A 165 -34.58 42.69 -13.15
CA HIS A 165 -33.24 42.21 -13.57
C HIS A 165 -32.16 43.25 -13.19
N ILE A 166 -32.46 44.13 -12.22
CA ILE A 166 -31.51 45.13 -11.65
C ILE A 166 -31.53 44.96 -10.12
N VAL A 167 -30.38 44.65 -9.52
CA VAL A 167 -30.26 44.39 -8.05
C VAL A 167 -29.07 45.20 -7.51
N PHE A 168 -29.08 45.42 -6.19
CA PHE A 168 -27.99 46.09 -5.42
C PHE A 168 -27.50 45.10 -4.37
N PRO A 169 -26.46 44.30 -4.69
CA PRO A 169 -25.96 43.27 -3.78
C PRO A 169 -25.90 43.72 -2.32
N VAL A 170 -26.48 42.92 -1.43
CA VAL A 170 -26.56 43.19 0.04
C VAL A 170 -25.13 43.34 0.58
N PRO A 171 -24.74 44.53 1.08
CA PRO A 171 -23.41 44.71 1.67
C PRO A 171 -23.10 43.64 2.74
N ILE A 172 -21.90 43.06 2.69
CA ILE A 172 -21.38 42.12 3.72
C ILE A 172 -20.02 42.66 4.21
N ASP A 173 -19.30 41.88 5.03
CA ASP A 173 -18.02 42.30 5.65
C ASP A 173 -16.95 41.22 5.50
N GLN A 174 -17.32 39.94 5.69
CA GLN A 174 -16.41 38.78 5.56
C GLN A 174 -15.79 38.76 4.17
N CYS A 175 -14.46 38.64 4.09
CA CYS A 175 -13.64 38.45 2.85
C CYS A 175 -13.37 39.78 2.13
N ILE A 176 -14.40 40.58 1.87
CA ILE A 176 -14.35 41.76 0.94
C ILE A 176 -13.77 42.99 1.65
N ASP A 177 -13.56 42.95 2.97
CA ASP A 177 -12.96 44.07 3.77
C ASP A 177 -11.44 43.89 3.86
N GLY A 178 -10.82 43.15 2.92
CA GLY A 178 -9.36 42.90 2.89
C GLY A 178 -8.92 41.99 4.01
N VAL B 16 -37.77 -5.68 -21.99
CA VAL B 16 -36.45 -6.33 -21.68
C VAL B 16 -35.47 -5.99 -22.80
N GLN B 17 -34.47 -5.17 -22.48
CA GLN B 17 -33.28 -4.90 -23.34
C GLN B 17 -32.05 -4.74 -22.43
N ARG B 18 -30.85 -4.70 -23.02
CA ARG B 18 -29.56 -4.53 -22.29
C ARG B 18 -29.62 -3.19 -21.54
N TRP B 19 -28.99 -3.10 -20.36
CA TRP B 19 -29.09 -1.90 -19.48
C TRP B 19 -28.55 -0.66 -20.20
N TRP B 20 -27.51 -0.83 -21.04
CA TRP B 20 -26.82 0.31 -21.73
C TRP B 20 -27.61 0.78 -22.96
N HIS B 21 -28.69 0.09 -23.33
CA HIS B 21 -29.68 0.56 -24.34
C HIS B 21 -30.57 1.67 -23.74
N LYS B 22 -30.72 1.70 -22.41
CA LYS B 22 -31.82 2.42 -21.71
C LYS B 22 -31.47 3.89 -21.47
N GLY B 23 -30.26 4.34 -21.81
CA GLY B 23 -29.83 5.75 -21.63
C GLY B 23 -28.38 5.99 -22.00
N ALA B 24 -27.86 7.16 -21.61
CA ALA B 24 -26.52 7.65 -21.97
C ALA B 24 -25.45 7.06 -21.03
N LEU B 25 -24.21 7.00 -21.50
CA LEU B 25 -23.00 6.69 -20.69
C LEU B 25 -22.26 7.98 -20.38
N TYR B 26 -21.60 8.04 -19.22
CA TYR B 26 -21.02 9.26 -18.61
C TYR B 26 -19.58 8.95 -18.19
N ARG B 27 -18.60 9.46 -18.95
CA ARG B 27 -17.15 9.15 -18.78
C ARG B 27 -16.55 10.07 -17.71
N ILE B 28 -15.87 9.47 -16.72
CA ILE B 28 -15.15 10.19 -15.62
C ILE B 28 -13.71 9.66 -15.58
N GLY B 29 -12.83 10.26 -16.37
CA GLY B 29 -11.41 9.86 -16.52
C GLY B 29 -10.62 10.18 -15.26
N ASP B 30 -10.74 11.40 -14.74
CA ASP B 30 -10.00 11.90 -13.54
C ASP B 30 -11.00 12.04 -12.38
N LEU B 31 -11.12 11.02 -11.54
CA LEU B 31 -12.05 11.00 -10.38
C LEU B 31 -11.72 12.13 -9.41
N GLN B 32 -10.45 12.51 -9.31
CA GLN B 32 -9.95 13.59 -8.43
C GLN B 32 -10.46 14.95 -8.95
N ALA B 33 -10.41 15.17 -10.26
CA ALA B 33 -10.87 16.41 -10.93
C ALA B 33 -12.39 16.54 -10.82
N PHE B 34 -13.11 15.42 -10.91
CA PHE B 34 -14.60 15.39 -10.86
C PHE B 34 -15.08 15.72 -9.45
N VAL B 35 -14.27 15.40 -8.45
CA VAL B 35 -14.63 15.52 -7.00
C VAL B 35 -14.06 16.82 -6.43
N GLY B 36 -12.83 17.19 -6.81
CA GLY B 36 -12.08 18.33 -6.25
C GLY B 36 -11.12 17.88 -5.15
N ARG B 37 -10.57 18.82 -4.40
CA ARG B 37 -9.57 18.58 -3.32
C ARG B 37 -10.27 18.23 -2.00
N ASP B 38 -11.61 18.33 -1.96
CA ASP B 38 -12.44 18.23 -0.73
C ASP B 38 -12.38 16.81 -0.15
N ALA B 39 -12.44 15.78 -1.00
CA ALA B 39 -12.48 14.36 -0.61
C ALA B 39 -11.59 13.52 -1.54
N GLY B 40 -11.48 12.21 -1.27
CA GLY B 40 -10.78 11.22 -2.09
C GLY B 40 -11.63 10.79 -3.28
N GLY B 41 -10.99 10.39 -4.38
CA GLY B 41 -11.62 10.18 -5.70
C GLY B 41 -12.84 9.28 -5.64
N ILE B 42 -12.69 8.06 -5.14
CA ILE B 42 -13.76 7.01 -5.14
C ILE B 42 -14.84 7.37 -4.11
N ALA B 43 -14.43 7.70 -2.88
CA ALA B 43 -15.33 8.05 -1.76
C ALA B 43 -16.15 9.29 -2.12
N GLY B 44 -15.52 10.30 -2.73
CA GLY B 44 -16.14 11.58 -3.11
C GLY B 44 -17.13 11.42 -4.26
N LEU B 45 -16.84 10.50 -5.18
CA LEU B 45 -17.71 10.17 -6.36
C LEU B 45 -19.07 9.67 -5.87
N LYS B 46 -19.09 8.92 -4.76
CA LYS B 46 -20.31 8.33 -4.16
C LYS B 46 -21.32 9.44 -3.82
N SER B 47 -20.84 10.59 -3.34
CA SER B 47 -21.67 11.71 -2.82
C SER B 47 -22.35 12.48 -3.95
N HIS B 48 -21.90 12.33 -5.20
CA HIS B 48 -22.41 13.05 -6.39
C HIS B 48 -23.34 12.16 -7.23
N LEU B 49 -23.78 11.02 -6.68
CA LEU B 49 -24.67 10.05 -7.39
C LEU B 49 -26.06 10.64 -7.56
N GLU B 50 -26.57 11.34 -6.54
CA GLU B 50 -27.89 12.01 -6.56
C GLU B 50 -27.95 12.91 -7.80
N TYR B 51 -26.95 13.78 -7.98
CA TYR B 51 -26.81 14.67 -9.16
C TYR B 51 -26.87 13.82 -10.43
N LEU B 52 -26.02 12.81 -10.52
CA LEU B 52 -25.89 11.94 -11.73
C LEU B 52 -27.24 11.30 -12.07
N SER B 53 -28.10 11.03 -11.06
CA SER B 53 -29.48 10.50 -11.25
C SER B 53 -30.36 11.52 -11.98
N THR B 54 -30.18 12.82 -11.71
CA THR B 54 -30.95 13.93 -12.35
C THR B 54 -30.64 13.95 -13.86
N LEU B 55 -29.43 13.54 -14.24
CA LEU B 55 -28.96 13.46 -15.66
C LEU B 55 -29.54 12.20 -16.32
N LYS B 56 -29.97 11.21 -15.52
CA LYS B 56 -30.62 9.94 -15.96
C LYS B 56 -29.62 9.11 -16.77
N VAL B 57 -28.34 9.19 -16.45
CA VAL B 57 -27.25 8.36 -17.06
C VAL B 57 -27.39 6.93 -16.54
N LYS B 58 -27.24 5.93 -17.42
CA LYS B 58 -27.45 4.50 -17.09
C LYS B 58 -26.13 3.84 -16.66
N GLY B 59 -24.98 4.43 -17.02
CA GLY B 59 -23.65 3.88 -16.69
C GLY B 59 -22.59 4.96 -16.50
N LEU B 60 -21.65 4.74 -15.58
CA LEU B 60 -20.44 5.58 -15.39
C LEU B 60 -19.21 4.81 -15.88
N VAL B 61 -18.41 5.45 -16.74
CA VAL B 61 -17.14 4.89 -17.28
C VAL B 61 -15.99 5.56 -16.53
N LEU B 62 -15.51 4.92 -15.46
CA LEU B 62 -14.58 5.50 -14.46
C LEU B 62 -13.14 5.15 -14.81
N GLY B 63 -12.20 6.05 -14.51
CA GLY B 63 -10.76 5.75 -14.46
C GLY B 63 -10.09 5.95 -15.82
N PRO B 64 -8.93 5.29 -16.08
CA PRO B 64 -8.38 4.27 -15.18
C PRO B 64 -8.07 4.73 -13.74
N ILE B 65 -8.18 3.80 -12.78
CA ILE B 65 -7.91 4.02 -11.33
C ILE B 65 -6.75 3.12 -10.85
N HIS B 66 -6.23 2.25 -11.71
CA HIS B 66 -5.27 1.18 -11.31
C HIS B 66 -3.85 1.76 -11.18
N LYS B 67 -2.96 1.02 -10.52
CA LYS B 67 -1.54 1.39 -10.29
C LYS B 67 -0.79 1.25 -11.61
N ASN B 68 -0.12 2.33 -12.06
CA ASN B 68 0.65 2.35 -13.32
C ASN B 68 1.86 3.25 -13.15
N GLN B 69 3.04 2.64 -13.02
CA GLN B 69 4.36 3.33 -13.08
C GLN B 69 4.66 3.61 -14.56
N LYS B 70 4.69 4.89 -14.94
CA LYS B 70 4.88 5.38 -16.33
C LYS B 70 5.87 4.46 -17.08
N ASP B 71 5.37 3.69 -18.05
CA ASP B 71 6.16 2.93 -19.05
C ASP B 71 6.96 1.78 -18.40
N GLU B 72 6.45 1.21 -17.30
CA GLU B 72 7.05 0.02 -16.62
C GLU B 72 5.97 -1.06 -16.45
N ILE B 73 5.99 -2.10 -17.28
CA ILE B 73 4.92 -3.14 -17.36
C ILE B 73 4.85 -3.93 -16.05
N ASN B 74 5.99 -4.21 -15.41
CA ASN B 74 6.08 -5.04 -14.19
C ASN B 74 5.61 -4.23 -12.96
N GLU B 75 5.65 -2.89 -13.04
CA GLU B 75 5.17 -1.97 -11.96
C GLU B 75 3.78 -1.42 -12.33
N THR B 76 3.04 -2.14 -13.19
CA THR B 76 1.64 -1.83 -13.59
C THR B 76 0.75 -3.01 -13.22
N ASP B 77 -0.17 -2.81 -12.26
CA ASP B 77 -1.08 -3.85 -11.74
C ASP B 77 -2.52 -3.37 -11.95
N LEU B 78 -3.26 -4.03 -12.84
CA LEU B 78 -4.62 -3.62 -13.27
C LEU B 78 -5.63 -3.92 -12.16
N LYS B 79 -5.25 -4.75 -11.17
CA LYS B 79 -6.13 -5.19 -10.06
C LYS B 79 -5.95 -4.29 -8.83
N GLN B 80 -4.84 -3.53 -8.76
CA GLN B 80 -4.50 -2.64 -7.61
C GLN B 80 -4.98 -1.20 -7.91
N ILE B 81 -5.84 -0.65 -7.04
CA ILE B 81 -6.34 0.75 -7.13
C ILE B 81 -5.26 1.68 -6.58
N ASN B 82 -4.96 2.77 -7.28
CA ASN B 82 -4.08 3.87 -6.78
C ASN B 82 -4.56 4.23 -5.37
N PRO B 83 -3.74 3.99 -4.31
CA PRO B 83 -4.18 4.23 -2.94
C PRO B 83 -4.66 5.67 -2.69
N THR B 84 -4.12 6.65 -3.44
CA THR B 84 -4.56 8.07 -3.46
C THR B 84 -6.08 8.14 -3.62
N LEU B 85 -6.65 7.41 -4.59
CA LEU B 85 -8.08 7.47 -4.98
C LEU B 85 -8.95 6.83 -3.89
N GLY B 86 -8.47 5.75 -3.26
CA GLY B 86 -9.18 5.03 -2.19
C GLY B 86 -8.76 3.58 -2.09
N SER B 87 -9.56 2.76 -1.38
CA SER B 87 -9.35 1.32 -1.12
C SER B 87 -10.35 0.48 -1.91
N GLN B 88 -10.13 -0.84 -1.97
CA GLN B 88 -11.07 -1.83 -2.57
C GLN B 88 -12.44 -1.69 -1.89
N GLU B 89 -12.45 -1.47 -0.57
CA GLU B 89 -13.66 -1.30 0.27
C GLU B 89 -14.44 -0.07 -0.20
N ASP B 90 -13.75 1.04 -0.47
CA ASP B 90 -14.35 2.31 -0.97
C ASP B 90 -15.02 2.07 -2.33
N PHE B 91 -14.41 1.22 -3.17
CA PHE B 91 -14.89 0.93 -4.55
C PHE B 91 -16.13 0.04 -4.50
N LYS B 92 -16.18 -0.93 -3.59
CA LYS B 92 -17.37 -1.80 -3.36
C LYS B 92 -18.56 -0.94 -2.92
N ASP B 93 -18.33 0.05 -2.05
CA ASP B 93 -19.37 1.01 -1.59
C ASP B 93 -19.97 1.72 -2.80
N LEU B 94 -19.12 2.20 -3.71
CA LEU B 94 -19.51 2.91 -4.95
C LEU B 94 -20.38 2.00 -5.82
N LEU B 95 -19.92 0.78 -6.08
CA LEU B 95 -20.65 -0.23 -6.92
C LEU B 95 -22.07 -0.42 -6.34
N GLN B 96 -22.16 -0.65 -5.02
CA GLN B 96 -23.44 -0.95 -4.31
C GLN B 96 -24.33 0.29 -4.30
N SER B 97 -23.77 1.46 -3.97
CA SER B 97 -24.48 2.78 -3.94
C SER B 97 -25.11 3.05 -5.31
N ALA B 98 -24.33 2.85 -6.39
CA ALA B 98 -24.73 3.07 -7.79
C ALA B 98 -25.83 2.06 -8.18
N LYS B 99 -25.69 0.81 -7.76
CA LYS B 99 -26.64 -0.30 -8.06
C LYS B 99 -28.04 0.07 -7.54
N LYS B 100 -28.12 0.67 -6.35
CA LYS B 100 -29.40 1.11 -5.73
C LYS B 100 -30.07 2.19 -6.59
N LYS B 101 -29.28 2.98 -7.33
CA LYS B 101 -29.76 4.11 -8.18
C LYS B 101 -30.00 3.65 -9.63
N SER B 102 -29.80 2.37 -9.93
CA SER B 102 -29.92 1.76 -11.27
C SER B 102 -28.84 2.33 -12.21
N ILE B 103 -27.65 2.61 -11.66
CA ILE B 103 -26.45 3.12 -12.40
C ILE B 103 -25.38 2.03 -12.37
N HIS B 104 -24.91 1.60 -13.54
CA HIS B 104 -23.87 0.55 -13.72
C HIS B 104 -22.49 1.21 -13.81
N ILE B 105 -21.44 0.46 -13.49
CA ILE B 105 -20.03 0.96 -13.43
C ILE B 105 -19.21 0.22 -14.49
N ILE B 106 -18.68 0.97 -15.46
CA ILE B 106 -17.67 0.53 -16.46
C ILE B 106 -16.30 0.97 -15.94
N LEU B 107 -15.29 0.09 -16.00
CA LEU B 107 -13.90 0.40 -15.55
C LEU B 107 -12.98 0.47 -16.78
N ASP B 108 -12.36 1.63 -17.00
CA ASP B 108 -11.30 1.82 -18.03
C ASP B 108 -10.04 1.09 -17.54
N LEU B 109 -9.51 0.17 -18.34
CA LEU B 109 -8.30 -0.63 -17.99
C LEU B 109 -7.19 -0.37 -19.01
N THR B 110 -7.23 0.77 -19.72
CA THR B 110 -6.12 1.22 -20.61
C THR B 110 -4.85 1.16 -19.76
N PRO B 111 -3.91 0.23 -20.03
CA PRO B 111 -2.88 -0.16 -19.05
C PRO B 111 -1.91 0.98 -18.69
N ASN B 112 -1.23 1.54 -19.70
CA ASN B 112 -0.14 2.53 -19.53
C ASN B 112 -0.71 3.93 -19.77
N TYR B 113 -1.72 4.33 -19.01
CA TYR B 113 -2.50 5.57 -19.19
C TYR B 113 -1.69 6.79 -18.71
N GLN B 114 -0.66 6.55 -17.88
CA GLN B 114 0.25 7.60 -17.34
C GLN B 114 1.39 7.90 -18.32
N GLY B 115 1.56 7.05 -19.36
CA GLY B 115 2.67 7.13 -20.32
C GLY B 115 2.20 7.48 -21.72
N GLN B 116 3.14 7.56 -22.66
CA GLN B 116 2.92 8.01 -24.06
C GLN B 116 2.26 6.88 -24.86
N ASN B 117 2.83 5.68 -24.82
CA ASN B 117 2.30 4.46 -25.49
C ASN B 117 1.32 3.77 -24.53
N ALA B 118 0.02 3.91 -24.77
CA ALA B 118 -1.08 3.50 -23.86
C ALA B 118 -1.06 1.99 -23.58
N TRP B 119 -0.57 1.18 -24.54
CA TRP B 119 -0.59 -0.30 -24.48
C TRP B 119 0.83 -0.86 -24.33
N PHE B 120 1.76 -0.04 -23.82
CA PHE B 120 3.22 -0.32 -23.78
C PHE B 120 3.73 -0.54 -25.22
N LEU B 121 4.89 -1.19 -25.37
CA LEU B 121 5.54 -1.41 -26.69
C LEU B 121 4.74 -2.44 -27.48
N PRO B 122 4.62 -2.30 -28.81
CA PRO B 122 3.95 -3.30 -29.65
C PRO B 122 4.35 -4.76 -29.38
N ALA B 123 5.63 -5.02 -29.04
CA ALA B 123 6.17 -6.38 -28.82
C ALA B 123 5.71 -6.94 -27.47
N GLN B 124 5.17 -6.10 -26.58
CA GLN B 124 4.72 -6.48 -25.21
C GLN B 124 3.22 -6.74 -25.19
N ALA B 125 2.53 -6.61 -26.34
CA ALA B 125 1.09 -6.87 -26.50
C ALA B 125 0.70 -8.20 -25.83
N ASP B 126 1.51 -9.26 -26.03
CA ASP B 126 1.23 -10.63 -25.53
C ASP B 126 1.20 -10.62 -24.00
N ILE B 127 2.15 -9.93 -23.35
CA ILE B 127 2.26 -9.84 -21.86
C ILE B 127 1.08 -9.03 -21.32
N VAL B 128 0.74 -7.92 -22.00
CA VAL B 128 -0.39 -7.02 -21.62
C VAL B 128 -1.70 -7.82 -21.64
N ALA B 129 -1.90 -8.63 -22.68
CA ALA B 129 -3.14 -9.41 -22.92
C ALA B 129 -3.37 -10.39 -21.76
N THR B 130 -2.31 -11.05 -21.28
CA THR B 130 -2.37 -12.00 -20.13
C THR B 130 -2.74 -11.22 -18.86
N LYS B 131 -2.12 -10.07 -18.64
CA LYS B 131 -2.44 -9.15 -17.50
C LYS B 131 -3.91 -8.74 -17.58
N MET B 132 -4.40 -8.46 -18.80
CA MET B 132 -5.81 -8.04 -19.04
C MET B 132 -6.76 -9.20 -18.71
N LYS B 133 -6.50 -10.39 -19.25
CA LYS B 133 -7.31 -11.62 -19.02
C LYS B 133 -7.54 -11.81 -17.52
N GLU B 134 -6.47 -11.74 -16.72
CA GLU B 134 -6.48 -11.93 -15.25
C GLU B 134 -7.31 -10.81 -14.60
N ALA B 135 -7.11 -9.57 -15.02
CA ALA B 135 -7.81 -8.38 -14.49
C ALA B 135 -9.33 -8.55 -14.66
N LEU B 136 -9.76 -8.91 -15.88
CA LEU B 136 -11.20 -8.98 -16.27
C LEU B 136 -11.97 -9.88 -15.29
N SER B 137 -11.45 -11.08 -14.99
CA SER B 137 -12.07 -12.06 -14.07
C SER B 137 -12.26 -11.42 -12.68
N SER B 138 -11.20 -10.81 -12.13
CA SER B 138 -11.14 -10.24 -10.76
C SER B 138 -12.20 -9.14 -10.60
N TRP B 139 -12.25 -8.19 -11.54
CA TRP B 139 -13.19 -7.03 -11.50
C TRP B 139 -14.64 -7.50 -11.69
N LEU B 140 -14.86 -8.48 -12.58
CA LEU B 140 -16.20 -9.08 -12.81
C LEU B 140 -16.72 -9.67 -11.50
N GLN B 141 -15.89 -10.45 -10.78
CA GLN B 141 -16.21 -10.99 -9.43
C GLN B 141 -16.55 -9.83 -8.48
N ASP B 142 -15.73 -8.77 -8.49
CA ASP B 142 -15.87 -7.59 -7.59
C ASP B 142 -17.23 -6.90 -7.86
N GLY B 143 -17.78 -7.06 -9.06
CA GLY B 143 -19.18 -6.69 -9.39
C GLY B 143 -19.30 -5.55 -10.39
N VAL B 144 -18.23 -5.24 -11.16
CA VAL B 144 -18.28 -4.20 -12.23
C VAL B 144 -19.06 -4.79 -13.42
N ASP B 145 -19.72 -3.94 -14.21
CA ASP B 145 -20.74 -4.35 -15.22
C ASP B 145 -20.20 -4.16 -16.63
N GLY B 146 -18.90 -3.84 -16.78
CA GLY B 146 -18.27 -3.66 -18.09
C GLY B 146 -16.91 -3.00 -18.01
N PHE B 147 -16.26 -2.79 -19.16
CA PHE B 147 -14.88 -2.26 -19.27
C PHE B 147 -14.75 -1.36 -20.51
N GLN B 148 -13.83 -0.40 -20.46
CA GLN B 148 -13.46 0.46 -21.61
C GLN B 148 -11.97 0.27 -21.92
N PHE B 149 -11.63 0.25 -23.21
CA PHE B 149 -10.24 0.18 -23.74
C PHE B 149 -10.05 1.29 -24.77
N ARG B 150 -9.19 2.27 -24.49
CA ARG B 150 -8.97 3.45 -25.36
C ARG B 150 -7.66 3.30 -26.12
N ASP B 151 -7.45 4.13 -27.14
CA ASP B 151 -6.21 4.19 -27.96
C ASP B 151 -5.93 2.80 -28.55
N VAL B 152 -6.97 2.09 -29.02
CA VAL B 152 -6.86 0.70 -29.55
C VAL B 152 -6.16 0.75 -30.92
N GLY B 153 -6.06 1.93 -31.53
CA GLY B 153 -5.21 2.17 -32.71
C GLY B 153 -3.74 1.94 -32.39
N LYS B 154 -3.33 2.08 -31.12
CA LYS B 154 -1.94 1.88 -30.64
C LYS B 154 -1.75 0.47 -30.05
N LEU B 155 -2.65 -0.47 -30.36
CA LEU B 155 -2.58 -1.87 -29.84
C LEU B 155 -2.37 -2.84 -31.00
N MET B 156 -1.21 -3.51 -31.04
CA MET B 156 -0.94 -4.63 -31.98
C MET B 156 -2.09 -5.64 -31.90
N ASN B 157 -2.70 -5.97 -33.04
CA ASN B 157 -3.77 -7.00 -33.15
C ASN B 157 -4.94 -6.64 -32.23
N ALA B 158 -5.37 -5.37 -32.23
CA ALA B 158 -6.50 -4.87 -31.41
C ALA B 158 -7.76 -5.69 -31.71
N PRO B 159 -8.10 -5.96 -32.99
CA PRO B 159 -9.27 -6.78 -33.30
C PRO B 159 -9.22 -8.14 -32.60
N LEU B 160 -8.05 -8.78 -32.58
CA LEU B 160 -7.82 -10.13 -32.02
C LEU B 160 -8.04 -10.11 -30.50
N TYR B 161 -7.50 -9.11 -29.80
CA TYR B 161 -7.47 -9.04 -28.31
C TYR B 161 -8.84 -8.61 -27.79
N LEU B 162 -9.49 -7.65 -28.46
CA LEU B 162 -10.86 -7.19 -28.11
C LEU B 162 -11.81 -8.40 -28.16
N ALA B 163 -11.66 -9.25 -29.18
CA ALA B 163 -12.44 -10.49 -29.40
C ALA B 163 -12.20 -11.45 -28.23
N GLU B 164 -10.93 -11.69 -27.90
CA GLU B 164 -10.51 -12.57 -26.77
C GLU B 164 -11.15 -12.06 -25.47
N TRP B 165 -11.04 -10.76 -25.21
CA TRP B 165 -11.54 -10.14 -23.95
C TRP B 165 -13.07 -10.20 -23.89
N GLN B 166 -13.75 -10.12 -25.05
CA GLN B 166 -15.21 -10.33 -25.15
C GLN B 166 -15.55 -11.77 -24.78
N ASN B 167 -14.84 -12.75 -25.39
CA ASN B 167 -15.02 -14.19 -25.10
C ASN B 167 -14.83 -14.43 -23.60
N ILE B 168 -13.76 -13.88 -23.01
CA ILE B 168 -13.41 -14.01 -21.56
C ILE B 168 -14.58 -13.46 -20.72
N THR B 169 -15.09 -12.28 -21.08
CA THR B 169 -16.16 -11.54 -20.36
C THR B 169 -17.50 -12.28 -20.50
N LYS B 170 -17.85 -12.73 -21.72
CA LYS B 170 -19.11 -13.44 -22.05
C LYS B 170 -19.16 -14.82 -21.37
N ASN B 171 -18.01 -15.52 -21.34
CA ASN B 171 -17.82 -16.84 -20.71
C ASN B 171 -18.19 -16.77 -19.21
N LEU B 172 -18.01 -15.60 -18.59
CA LEU B 172 -18.20 -15.37 -17.12
C LEU B 172 -19.56 -14.73 -16.82
N SER B 173 -20.16 -13.99 -17.76
CA SER B 173 -21.54 -13.42 -17.68
C SER B 173 -22.00 -12.91 -19.05
N GLU B 174 -23.31 -12.78 -19.26
CA GLU B 174 -23.92 -12.38 -20.57
C GLU B 174 -24.14 -10.86 -20.62
N ASP B 175 -24.58 -10.24 -19.52
CA ASP B 175 -25.13 -8.85 -19.50
C ASP B 175 -24.02 -7.84 -19.16
N ARG B 176 -22.84 -8.00 -19.76
CA ARG B 176 -21.64 -7.14 -19.53
C ARG B 176 -21.28 -6.41 -20.84
N LEU B 177 -20.92 -5.13 -20.72
CA LEU B 177 -20.65 -4.21 -21.86
C LEU B 177 -19.14 -3.96 -21.99
N LEU B 178 -18.60 -4.04 -23.21
CA LEU B 178 -17.21 -3.62 -23.55
C LEU B 178 -17.28 -2.39 -24.45
N ILE B 179 -16.49 -1.35 -24.13
CA ILE B 179 -16.34 -0.12 -24.94
C ILE B 179 -14.90 -0.05 -25.45
N ALA B 180 -14.73 0.08 -26.76
CA ALA B 180 -13.43 0.38 -27.42
C ALA B 180 -13.41 1.86 -27.78
N GLY B 181 -12.24 2.49 -27.67
CA GLY B 181 -12.01 3.90 -28.05
C GLY B 181 -10.91 3.99 -29.08
N THR B 182 -10.98 4.99 -29.96
CA THR B 182 -9.96 5.30 -31.00
C THR B 182 -9.98 6.79 -31.29
N GLU B 183 -8.85 7.34 -31.76
CA GLU B 183 -8.68 8.75 -32.19
C GLU B 183 -9.14 8.87 -33.66
N SER B 184 -9.18 7.75 -34.37
CA SER B 184 -9.52 7.67 -35.82
C SER B 184 -10.92 8.26 -36.06
N SER B 185 -11.08 9.00 -37.16
CA SER B 185 -12.36 9.54 -37.68
C SER B 185 -12.70 8.87 -39.02
N ASP B 186 -11.99 7.78 -39.35
CA ASP B 186 -12.09 7.09 -40.66
C ASP B 186 -13.13 5.97 -40.56
N LEU B 187 -14.13 5.99 -41.44
CA LEU B 187 -15.28 5.05 -41.45
C LEU B 187 -14.77 3.60 -41.46
N GLN B 188 -13.89 3.25 -42.40
CA GLN B 188 -13.44 1.85 -42.67
C GLN B 188 -12.69 1.32 -41.43
N GLN B 189 -11.75 2.09 -40.88
CA GLN B 189 -10.97 1.74 -39.66
C GLN B 189 -11.94 1.41 -38.52
N ILE B 190 -12.95 2.25 -38.31
CA ILE B 190 -13.95 2.14 -37.20
C ILE B 190 -14.77 0.86 -37.40
N VAL B 191 -15.18 0.56 -38.64
CA VAL B 191 -16.04 -0.62 -38.99
C VAL B 191 -15.23 -1.90 -38.73
N ASN B 192 -13.97 -1.94 -39.15
CA ASN B 192 -13.06 -3.11 -38.98
C ASN B 192 -13.03 -3.52 -37.50
N ILE B 193 -12.91 -2.55 -36.59
CA ILE B 193 -12.85 -2.80 -35.12
C ILE B 193 -14.23 -3.28 -34.64
N LEU B 194 -15.31 -2.66 -35.12
CA LEU B 194 -16.73 -3.01 -34.77
C LEU B 194 -17.02 -4.46 -35.17
N GLU B 195 -16.58 -4.90 -36.35
CA GLU B 195 -16.93 -6.22 -36.95
C GLU B 195 -16.10 -7.34 -36.29
N SER B 196 -14.94 -7.02 -35.71
CA SER B 196 -14.01 -7.99 -35.06
C SER B 196 -14.70 -8.67 -33.88
N THR B 197 -15.62 -7.98 -33.22
CA THR B 197 -16.26 -8.37 -31.94
C THR B 197 -17.74 -7.94 -31.94
N SER B 198 -18.63 -8.80 -31.47
CA SER B 198 -20.09 -8.51 -31.36
C SER B 198 -20.38 -7.72 -30.08
N ASP B 199 -21.43 -6.90 -30.10
CA ASP B 199 -21.99 -6.18 -28.93
C ASP B 199 -20.93 -5.25 -28.30
N LEU B 200 -20.02 -4.74 -29.12
CA LEU B 200 -18.91 -3.84 -28.69
C LEU B 200 -19.23 -2.40 -29.12
N LEU B 201 -19.44 -1.50 -28.17
CA LEU B 201 -19.54 -0.04 -28.44
C LEU B 201 -18.15 0.44 -28.85
N LEU B 202 -18.09 1.40 -29.79
CA LEU B 202 -16.82 1.99 -30.28
C LEU B 202 -16.98 3.51 -30.37
N THR B 203 -16.22 4.24 -29.55
CA THR B 203 -16.16 5.72 -29.53
C THR B 203 -14.99 6.16 -30.41
N SER B 204 -15.11 7.32 -31.07
CA SER B 204 -14.22 7.77 -32.17
C SER B 204 -14.34 9.28 -32.36
N SER B 205 -13.60 9.82 -33.33
CA SER B 205 -13.64 11.26 -33.73
C SER B 205 -14.46 11.43 -35.01
N TYR B 206 -15.15 10.38 -35.45
CA TYR B 206 -15.98 10.36 -36.69
C TYR B 206 -16.83 11.64 -36.80
N LEU B 207 -17.54 11.99 -35.72
CA LEU B 207 -18.55 13.10 -35.70
C LEU B 207 -17.86 14.45 -35.39
N SER B 208 -16.55 14.46 -35.15
CA SER B 208 -15.74 15.67 -34.86
C SER B 208 -14.94 16.11 -36.09
N ASN B 209 -14.66 15.18 -37.01
CA ASN B 209 -13.91 15.46 -38.27
C ASN B 209 -14.92 15.86 -39.35
N SER B 210 -15.27 17.15 -39.42
CA SER B 210 -16.44 17.67 -40.15
C SER B 210 -16.27 19.17 -40.43
N THR B 211 -16.88 19.63 -41.53
CA THR B 211 -17.13 21.05 -41.85
C THR B 211 -18.27 21.57 -40.96
N PHE B 212 -19.03 20.64 -40.37
CA PHE B 212 -20.17 20.90 -39.43
C PHE B 212 -21.33 21.55 -40.20
N THR B 213 -21.41 21.32 -41.52
CA THR B 213 -22.56 21.70 -42.38
C THR B 213 -23.64 20.63 -42.22
N GLY B 214 -24.90 20.98 -42.48
CA GLY B 214 -26.05 20.05 -42.34
C GLY B 214 -25.90 18.83 -43.23
N GLU B 215 -25.53 19.04 -44.50
CA GLU B 215 -25.35 17.98 -45.52
C GLU B 215 -24.24 17.02 -45.07
N ARG B 216 -23.15 17.56 -44.53
CA ARG B 216 -21.99 16.76 -44.05
C ARG B 216 -22.41 15.93 -42.83
N THR B 217 -23.10 16.54 -41.87
CA THR B 217 -23.60 15.88 -40.63
C THR B 217 -24.55 14.75 -41.02
N GLU B 218 -25.53 15.04 -41.90
CA GLU B 218 -26.48 14.05 -42.46
C GLU B 218 -25.69 12.92 -43.15
N SER B 219 -24.74 13.27 -44.01
CA SER B 219 -23.90 12.30 -44.79
C SER B 219 -23.19 11.35 -43.81
N LEU B 220 -22.43 11.91 -42.87
CA LEU B 220 -21.66 11.15 -41.84
C LEU B 220 -22.58 10.15 -41.13
N VAL B 221 -23.74 10.61 -40.64
CA VAL B 221 -24.67 9.78 -39.83
C VAL B 221 -25.27 8.67 -40.70
N THR B 222 -25.82 9.01 -41.87
CA THR B 222 -26.51 8.04 -42.78
C THR B 222 -25.51 7.04 -43.35
N ARG B 223 -24.28 7.45 -43.65
CA ARG B 223 -23.21 6.55 -44.19
C ARG B 223 -22.83 5.53 -43.11
N PHE B 224 -22.71 5.96 -41.86
CA PHE B 224 -22.26 5.09 -40.73
C PHE B 224 -23.32 4.03 -40.45
N LEU B 225 -24.60 4.43 -40.39
CA LEU B 225 -25.76 3.53 -40.15
C LEU B 225 -25.88 2.52 -41.31
N ASN B 226 -25.54 2.93 -42.54
CA ASN B 226 -25.56 2.08 -43.75
C ASN B 226 -24.47 1.00 -43.66
N ALA B 227 -23.33 1.31 -43.02
CA ALA B 227 -22.16 0.41 -42.91
C ALA B 227 -22.36 -0.59 -41.77
N THR B 228 -23.04 -0.20 -40.69
CA THR B 228 -23.22 -1.01 -39.44
C THR B 228 -24.59 -1.69 -39.42
N GLY B 229 -25.44 -1.46 -40.43
CA GLY B 229 -26.74 -2.12 -40.63
C GLY B 229 -27.55 -2.22 -39.34
N SER B 230 -27.71 -3.45 -38.82
CA SER B 230 -28.67 -3.81 -37.75
C SER B 230 -28.04 -3.72 -36.35
N GLN B 231 -26.70 -3.78 -36.26
CA GLN B 231 -25.93 -3.66 -34.99
C GLN B 231 -26.41 -2.45 -34.20
N TRP B 232 -26.43 -2.56 -32.88
CA TRP B 232 -26.71 -1.44 -31.93
C TRP B 232 -25.47 -0.54 -31.84
N CYS B 233 -25.54 0.65 -32.43
CA CYS B 233 -24.43 1.65 -32.50
C CYS B 233 -24.34 2.44 -31.19
N SER B 234 -23.17 3.04 -30.94
CA SER B 234 -22.96 4.13 -29.94
C SER B 234 -22.76 5.44 -30.70
N TRP B 235 -23.01 6.58 -30.05
CA TRP B 235 -22.88 7.94 -30.64
C TRP B 235 -22.09 8.85 -29.72
N SER B 236 -20.90 9.28 -30.16
CA SER B 236 -19.97 10.16 -29.40
C SER B 236 -19.31 11.16 -30.36
N VAL B 237 -18.48 12.07 -29.84
CA VAL B 237 -17.67 13.02 -30.64
C VAL B 237 -16.17 12.74 -30.45
N SER B 238 -15.80 12.07 -29.36
CA SER B 238 -14.41 11.55 -29.10
C SER B 238 -14.47 10.31 -28.20
N GLN B 239 -13.32 9.70 -27.96
CA GLN B 239 -13.20 8.49 -27.11
C GLN B 239 -13.03 8.88 -25.65
N ALA B 240 -12.84 10.17 -25.34
CA ALA B 240 -12.43 10.66 -24.00
C ALA B 240 -12.80 12.14 -23.79
N GLY B 241 -12.36 13.03 -24.68
CA GLY B 241 -12.37 14.49 -24.47
C GLY B 241 -13.77 15.09 -24.35
N LEU B 242 -13.84 16.36 -23.97
CA LEU B 242 -15.08 17.15 -23.80
C LEU B 242 -15.65 17.53 -25.17
N LEU B 243 -16.97 17.57 -25.29
CA LEU B 243 -17.71 17.89 -26.54
C LEU B 243 -17.36 19.32 -26.98
N ALA B 244 -17.25 20.26 -26.03
CA ALA B 244 -16.98 21.69 -26.29
C ALA B 244 -15.56 21.91 -26.83
N ASP B 245 -14.68 20.91 -26.74
CA ASP B 245 -13.28 21.00 -27.25
C ASP B 245 -13.22 20.62 -28.73
N PHE B 246 -14.23 19.93 -29.24
CA PHE B 246 -14.26 19.39 -30.63
C PHE B 246 -15.36 20.05 -31.48
N ILE B 247 -16.47 20.46 -30.86
CA ILE B 247 -17.67 21.02 -31.57
C ILE B 247 -17.70 22.53 -31.37
N PRO B 248 -17.86 23.34 -32.46
CA PRO B 248 -17.98 24.78 -32.32
C PRO B 248 -19.13 25.19 -31.38
N ASP B 249 -18.93 26.25 -30.60
CA ASP B 249 -19.85 26.72 -29.53
C ASP B 249 -21.28 26.84 -30.08
N HIS B 250 -21.44 27.37 -31.31
CA HIS B 250 -22.75 27.69 -31.91
C HIS B 250 -23.54 26.42 -32.23
N LEU B 251 -22.92 25.23 -32.17
CA LEU B 251 -23.57 23.93 -32.51
C LEU B 251 -23.73 23.03 -31.28
N LEU B 252 -23.30 23.48 -30.08
CA LEU B 252 -23.24 22.63 -28.85
C LEU B 252 -24.63 22.07 -28.51
N ARG B 253 -25.67 22.93 -28.53
CA ARG B 253 -27.06 22.54 -28.21
C ARG B 253 -27.61 21.62 -29.31
N LEU B 254 -27.27 21.94 -30.57
CA LEU B 254 -27.70 21.19 -31.78
C LEU B 254 -27.14 19.76 -31.75
N TYR B 255 -25.87 19.61 -31.33
CA TYR B 255 -25.17 18.30 -31.26
C TYR B 255 -25.73 17.48 -30.09
N GLN B 256 -25.99 18.13 -28.97
CA GLN B 256 -26.63 17.51 -27.78
C GLN B 256 -27.93 16.83 -28.23
N LEU B 257 -28.79 17.57 -28.95
CA LEU B 257 -30.07 17.05 -29.51
C LEU B 257 -29.78 15.87 -30.44
N LEU B 258 -28.86 16.06 -31.40
CA LEU B 258 -28.44 15.05 -32.39
C LEU B 258 -28.07 13.75 -31.67
N LEU B 259 -27.19 13.83 -30.66
CA LEU B 259 -26.59 12.65 -29.97
C LEU B 259 -27.68 11.87 -29.23
N PHE B 260 -28.64 12.56 -28.59
CA PHE B 260 -29.67 11.95 -27.73
C PHE B 260 -30.73 11.24 -28.56
N THR B 261 -30.93 11.64 -29.82
CA THR B 261 -32.09 11.25 -30.65
C THR B 261 -31.70 10.36 -31.83
N LEU B 262 -30.42 10.06 -32.03
CA LEU B 262 -29.97 9.06 -33.05
C LEU B 262 -30.08 7.67 -32.43
N PRO B 263 -30.37 6.62 -33.23
CA PRO B 263 -30.64 5.28 -32.70
C PRO B 263 -29.36 4.65 -32.12
N GLY B 264 -29.36 4.37 -30.81
CA GLY B 264 -28.21 3.78 -30.11
C GLY B 264 -27.95 4.44 -28.77
N THR B 265 -26.78 4.19 -28.19
CA THR B 265 -26.36 4.67 -26.84
C THR B 265 -25.47 5.91 -27.02
N PRO B 266 -25.94 7.09 -26.56
CA PRO B 266 -25.09 8.29 -26.56
C PRO B 266 -24.06 8.23 -25.41
N VAL B 267 -22.84 8.70 -25.68
CA VAL B 267 -21.68 8.65 -24.72
C VAL B 267 -21.13 10.07 -24.54
N PHE B 268 -21.17 10.58 -23.30
CA PHE B 268 -20.65 11.93 -22.93
C PHE B 268 -19.52 11.76 -21.90
N SER B 269 -18.75 12.82 -21.72
CA SER B 269 -17.76 13.00 -20.62
C SER B 269 -18.30 14.04 -19.65
N TYR B 270 -17.91 13.97 -18.38
CA TYR B 270 -18.37 14.90 -17.31
C TYR B 270 -18.06 16.34 -17.76
N GLY B 271 -19.06 17.22 -17.69
CA GLY B 271 -18.95 18.64 -18.08
C GLY B 271 -19.62 18.93 -19.42
N ASP B 272 -19.97 17.89 -20.18
CA ASP B 272 -20.65 18.04 -21.50
C ASP B 272 -22.04 18.65 -21.28
N GLU B 273 -22.67 18.31 -20.15
CA GLU B 273 -24.00 18.82 -19.75
C GLU B 273 -23.90 20.31 -19.40
N LEU B 274 -22.71 20.80 -19.04
CA LEU B 274 -22.43 22.23 -18.68
C LEU B 274 -21.87 23.01 -19.88
N GLY B 275 -21.31 22.31 -20.88
CA GLY B 275 -20.52 22.93 -21.95
C GLY B 275 -19.12 23.27 -21.46
N LEU B 276 -18.60 22.43 -20.56
CA LEU B 276 -17.25 22.60 -19.95
C LEU B 276 -16.17 22.37 -21.01
N GLN B 277 -15.15 23.22 -21.03
CA GLN B 277 -13.97 23.12 -21.94
C GLN B 277 -12.76 22.63 -21.14
N GLY B 278 -11.90 21.84 -21.78
CA GLY B 278 -10.65 21.29 -21.21
C GLY B 278 -9.48 22.21 -21.49
N ALA B 279 -8.25 21.76 -21.20
CA ALA B 279 -7.00 22.55 -21.28
C ALA B 279 -6.95 23.31 -22.60
N LEU B 280 -6.52 24.59 -22.55
CA LEU B 280 -6.32 25.46 -23.74
C LEU B 280 -5.16 24.90 -24.56
N PRO B 281 -5.09 25.19 -25.89
CA PRO B 281 -3.94 24.81 -26.70
C PRO B 281 -2.57 25.20 -26.13
N GLY B 282 -2.53 26.16 -25.20
CA GLY B 282 -1.32 26.56 -24.44
C GLY B 282 -1.43 26.20 -22.97
N GLN B 283 -1.62 24.91 -22.66
CA GLN B 283 -1.66 24.34 -21.28
C GLN B 283 -1.32 22.86 -21.33
N PRO B 284 -0.88 22.24 -20.20
CA PRO B 284 -0.73 20.79 -20.11
C PRO B 284 -2.09 20.08 -20.22
N ALA B 285 -2.29 19.30 -21.29
CA ALA B 285 -3.55 18.60 -21.63
C ALA B 285 -3.94 17.63 -20.50
N LYS B 286 -4.66 18.14 -19.50
CA LYS B 286 -5.17 17.38 -18.31
C LYS B 286 -6.56 17.92 -17.93
N ALA B 287 -7.45 17.03 -17.50
CA ALA B 287 -8.91 17.26 -17.34
C ALA B 287 -9.18 18.39 -16.36
N PRO B 288 -10.17 19.27 -16.64
CA PRO B 288 -10.53 20.37 -15.74
C PRO B 288 -11.38 19.91 -14.56
N LEU B 289 -11.52 20.75 -13.55
CA LEU B 289 -12.38 20.51 -12.36
C LEU B 289 -13.85 20.60 -12.79
N MET B 290 -14.68 19.68 -12.31
CA MET B 290 -16.17 19.75 -12.43
C MET B 290 -16.63 20.93 -11.59
N PRO B 291 -17.10 22.04 -12.22
CA PRO B 291 -17.42 23.26 -11.48
C PRO B 291 -18.78 23.16 -10.75
N TRP B 292 -18.80 22.51 -9.58
CA TRP B 292 -20.01 22.37 -8.73
C TRP B 292 -20.49 23.77 -8.34
N ASN B 293 -19.58 24.61 -7.85
CA ASN B 293 -19.81 26.06 -7.58
C ASN B 293 -18.56 26.84 -8.03
N GLU B 294 -18.51 28.15 -7.74
CA GLU B 294 -17.47 29.08 -8.27
C GLU B 294 -16.11 28.81 -7.62
N SER B 295 -16.05 28.01 -6.57
CA SER B 295 -14.79 27.66 -5.86
C SER B 295 -14.00 26.59 -6.63
N SER B 296 -14.49 26.15 -7.79
CA SER B 296 -13.79 25.18 -8.68
C SER B 296 -14.09 25.48 -10.15
N ILE B 297 -14.11 26.77 -10.53
CA ILE B 297 -14.15 27.24 -11.95
C ILE B 297 -12.83 27.96 -12.27
N PHE B 298 -12.48 28.05 -13.55
CA PHE B 298 -11.26 28.73 -14.04
C PHE B 298 -11.54 29.40 -15.40
N HIS B 299 -10.96 30.59 -15.61
CA HIS B 299 -10.97 31.36 -16.88
C HIS B 299 -12.33 32.08 -17.08
N ILE B 300 -13.16 32.12 -16.04
CA ILE B 300 -14.52 32.77 -16.08
C ILE B 300 -14.66 33.70 -14.88
N PRO B 301 -14.62 35.05 -15.08
CA PRO B 301 -14.78 36.00 -13.98
C PRO B 301 -16.26 36.28 -13.66
N ARG B 302 -16.52 36.99 -12.55
CA ARG B 302 -17.85 37.56 -12.22
C ARG B 302 -18.13 38.68 -13.23
N PRO B 303 -19.42 38.99 -13.53
CA PRO B 303 -20.56 38.26 -13.00
C PRO B 303 -21.00 37.02 -13.80
N VAL B 304 -20.39 36.76 -14.97
CA VAL B 304 -20.84 35.69 -15.92
C VAL B 304 -20.62 34.30 -15.29
N SER B 305 -19.65 34.18 -14.36
CA SER B 305 -19.34 32.92 -13.62
C SER B 305 -20.58 32.35 -12.95
N LEU B 306 -21.53 33.21 -12.55
CA LEU B 306 -22.82 32.84 -11.91
C LEU B 306 -23.62 31.88 -12.81
N ASN B 307 -23.32 31.85 -14.11
CA ASN B 307 -24.11 31.10 -15.13
C ASN B 307 -23.42 29.78 -15.51
N MET B 308 -22.18 29.54 -15.07
CA MET B 308 -21.32 28.47 -15.65
C MET B 308 -20.83 27.49 -14.57
N THR B 309 -21.67 27.23 -13.57
CA THR B 309 -21.47 26.15 -12.55
C THR B 309 -22.70 25.24 -12.58
N VAL B 310 -22.59 24.08 -11.91
CA VAL B 310 -23.72 23.12 -11.75
C VAL B 310 -24.83 23.84 -10.97
N LYS B 311 -24.49 24.49 -9.85
CA LYS B 311 -25.47 25.22 -9.00
C LYS B 311 -26.12 26.35 -9.82
N GLY B 312 -25.34 26.99 -10.70
CA GLY B 312 -25.79 28.13 -11.53
C GLY B 312 -26.77 27.70 -12.62
N GLN B 313 -26.46 26.62 -13.35
CA GLN B 313 -27.27 26.12 -14.50
C GLN B 313 -28.48 25.32 -13.97
N ASN B 314 -28.45 24.90 -12.70
CA ASN B 314 -29.47 24.03 -12.04
C ASN B 314 -30.87 24.64 -12.18
N GLU B 315 -31.04 25.92 -11.84
CA GLU B 315 -32.36 26.61 -11.80
C GLU B 315 -32.62 27.37 -13.11
N ASP B 316 -31.64 27.43 -14.01
CA ASP B 316 -31.66 28.25 -15.26
C ASP B 316 -32.43 27.49 -16.34
N PRO B 317 -33.66 27.93 -16.70
CA PRO B 317 -34.46 27.25 -17.73
C PRO B 317 -33.75 27.10 -19.08
N GLY B 318 -32.88 28.05 -19.44
CA GLY B 318 -32.24 28.14 -20.77
C GLY B 318 -30.83 27.60 -20.80
N SER B 319 -30.37 26.94 -19.73
CA SER B 319 -28.99 26.40 -19.60
C SER B 319 -28.88 25.06 -20.32
N LEU B 320 -27.65 24.63 -20.63
CA LEU B 320 -27.34 23.33 -21.28
C LEU B 320 -27.69 22.18 -20.33
N LEU B 321 -27.54 22.39 -19.03
CA LEU B 321 -27.85 21.40 -17.97
C LEU B 321 -29.35 21.07 -18.00
N THR B 322 -30.20 22.05 -18.29
CA THR B 322 -31.67 21.89 -18.37
C THR B 322 -32.01 21.10 -19.64
N GLN B 323 -31.40 21.45 -20.78
CA GLN B 323 -31.63 20.75 -22.07
C GLN B 323 -31.15 19.30 -21.96
N PHE B 324 -29.99 19.07 -21.34
CA PHE B 324 -29.39 17.73 -21.15
C PHE B 324 -30.35 16.86 -20.34
N ARG B 325 -30.87 17.39 -19.22
CA ARG B 325 -31.78 16.67 -18.29
C ARG B 325 -33.08 16.34 -19.03
N ARG B 326 -33.61 17.30 -19.77
CA ARG B 326 -34.90 17.18 -20.50
C ARG B 326 -34.78 16.07 -21.55
N LEU B 327 -33.74 16.11 -22.39
CA LEU B 327 -33.52 15.14 -23.49
C LEU B 327 -33.18 13.76 -22.91
N SER B 328 -32.32 13.70 -21.89
CA SER B 328 -31.91 12.45 -21.18
C SER B 328 -33.14 11.78 -20.57
N ASP B 329 -34.07 12.56 -20.00
CA ASP B 329 -35.33 12.06 -19.38
C ASP B 329 -36.17 11.39 -20.47
N LEU B 330 -36.43 12.10 -21.58
CA LEU B 330 -37.20 11.59 -22.74
C LEU B 330 -36.55 10.29 -23.25
N ARG B 331 -35.23 10.31 -23.48
CA ARG B 331 -34.45 9.15 -24.00
C ARG B 331 -34.68 7.93 -23.10
N GLY B 332 -34.91 8.15 -21.80
CA GLY B 332 -35.04 7.10 -20.78
C GLY B 332 -36.38 6.39 -20.80
N LYS B 333 -37.47 7.07 -21.19
CA LYS B 333 -38.86 6.62 -20.92
C LYS B 333 -39.71 6.48 -22.20
N GLU B 334 -39.27 7.03 -23.34
CA GLU B 334 -40.02 6.96 -24.62
C GLU B 334 -39.51 5.76 -25.43
N ARG B 335 -40.42 4.87 -25.81
CA ARG B 335 -40.11 3.53 -26.40
C ARG B 335 -39.49 3.73 -27.80
N SER B 336 -39.95 4.76 -28.52
CA SER B 336 -39.43 5.14 -29.87
C SER B 336 -37.98 5.61 -29.78
N LEU B 337 -37.62 6.33 -28.72
CA LEU B 337 -36.24 6.81 -28.48
C LEU B 337 -35.41 5.69 -27.82
N LEU B 338 -36.06 4.77 -27.12
CA LEU B 338 -35.37 3.67 -26.36
C LEU B 338 -34.84 2.61 -27.33
N HIS B 339 -35.65 2.20 -28.31
CA HIS B 339 -35.27 1.18 -29.33
C HIS B 339 -36.19 1.29 -30.54
N GLY B 340 -36.26 2.48 -31.14
CA GLY B 340 -37.04 2.74 -32.36
C GLY B 340 -36.17 2.75 -33.60
N ASP B 341 -36.76 2.42 -34.75
CA ASP B 341 -36.08 2.45 -36.07
C ASP B 341 -35.81 3.92 -36.41
N PHE B 342 -35.04 4.16 -37.47
CA PHE B 342 -34.64 5.50 -37.95
C PHE B 342 -34.96 5.61 -39.45
N HIS B 343 -35.55 6.73 -39.87
CA HIS B 343 -35.77 7.08 -41.29
C HIS B 343 -35.45 8.56 -41.50
N ALA B 344 -34.43 8.85 -42.31
CA ALA B 344 -34.08 10.21 -42.77
C ALA B 344 -35.21 10.74 -43.64
N LEU B 345 -35.46 12.04 -43.58
CA LEU B 345 -36.47 12.76 -44.42
C LEU B 345 -35.72 13.66 -45.39
N SER B 346 -36.26 13.84 -46.61
CA SER B 346 -35.83 14.91 -47.54
C SER B 346 -36.22 16.27 -46.92
N SER B 347 -35.33 17.25 -47.03
CA SER B 347 -35.51 18.61 -46.45
C SER B 347 -34.70 19.63 -47.27
N SER B 348 -34.79 20.91 -46.93
CA SER B 348 -33.96 21.98 -47.51
C SER B 348 -32.48 21.59 -47.38
N PRO B 349 -31.61 22.05 -48.29
CA PRO B 349 -30.16 21.89 -48.12
C PRO B 349 -29.68 22.39 -46.75
N ASP B 350 -28.91 21.54 -46.05
CA ASP B 350 -28.20 21.83 -44.77
C ASP B 350 -29.17 21.80 -43.58
N LEU B 351 -30.39 21.30 -43.78
CA LEU B 351 -31.27 20.86 -42.67
C LEU B 351 -31.26 19.32 -42.65
N PHE B 352 -30.99 18.73 -41.49
CA PHE B 352 -30.97 17.26 -41.28
C PHE B 352 -32.20 16.87 -40.43
N SER B 353 -33.23 16.35 -41.10
CA SER B 353 -34.51 15.89 -40.49
C SER B 353 -34.59 14.35 -40.51
N TYR B 354 -35.17 13.75 -39.48
CA TYR B 354 -35.33 12.29 -39.35
C TYR B 354 -36.42 11.94 -38.32
N ILE B 355 -36.92 10.71 -38.40
CA ILE B 355 -38.07 10.18 -37.60
C ILE B 355 -37.57 9.01 -36.74
N ARG B 356 -37.96 8.98 -35.46
CA ARG B 356 -37.79 7.82 -34.56
C ARG B 356 -39.18 7.24 -34.28
N HIS B 357 -39.35 5.92 -34.46
CA HIS B 357 -40.67 5.23 -34.41
C HIS B 357 -40.49 3.78 -33.95
N TRP B 358 -41.34 3.32 -33.02
CA TRP B 358 -41.43 1.89 -32.59
C TRP B 358 -42.91 1.46 -32.60
N ASP B 359 -43.26 0.53 -33.49
CA ASP B 359 -44.63 -0.05 -33.61
C ASP B 359 -45.65 1.10 -33.68
N GLN B 360 -46.58 1.18 -32.71
CA GLN B 360 -47.70 2.14 -32.69
C GLN B 360 -47.43 3.26 -31.65
N ASN B 361 -46.27 3.23 -30.99
CA ASN B 361 -45.84 4.22 -29.97
C ASN B 361 -45.61 5.58 -30.64
N GLU B 362 -45.53 6.64 -29.84
CA GLU B 362 -45.38 8.05 -30.31
C GLU B 362 -44.18 8.15 -31.26
N ARG B 363 -44.39 8.74 -32.45
CA ARG B 363 -43.31 9.09 -33.39
C ARG B 363 -42.59 10.33 -32.83
N TYR B 364 -41.30 10.47 -33.12
CA TYR B 364 -40.49 11.68 -32.78
C TYR B 364 -39.84 12.21 -34.05
N LEU B 365 -40.20 13.44 -34.43
CA LEU B 365 -39.67 14.17 -35.61
C LEU B 365 -38.58 15.13 -35.12
N VAL B 366 -37.34 14.95 -35.61
CA VAL B 366 -36.18 15.82 -35.29
C VAL B 366 -35.83 16.62 -36.54
N VAL B 367 -35.68 17.94 -36.42
CA VAL B 367 -35.33 18.85 -37.54
C VAL B 367 -34.20 19.78 -37.07
N LEU B 368 -33.01 19.64 -37.67
CA LEU B 368 -31.77 20.39 -37.27
C LEU B 368 -31.38 21.33 -38.41
N ASN B 369 -31.39 22.64 -38.16
CA ASN B 369 -30.90 23.69 -39.08
C ASN B 369 -29.44 23.99 -38.72
N PHE B 370 -28.50 23.65 -39.61
CA PHE B 370 -27.04 23.82 -39.43
C PHE B 370 -26.55 25.10 -40.13
N ARG B 371 -27.49 25.96 -40.53
CA ARG B 371 -27.22 27.26 -41.21
C ARG B 371 -27.52 28.41 -40.24
N ASP B 372 -26.83 29.54 -40.40
CA ASP B 372 -26.96 30.74 -39.54
C ASP B 372 -27.95 31.71 -40.20
N SER B 373 -29.17 31.24 -40.42
CA SER B 373 -30.28 31.99 -41.07
C SER B 373 -31.60 31.24 -40.88
N GLY B 374 -32.71 31.97 -40.97
CA GLY B 374 -34.07 31.40 -41.09
C GLY B 374 -34.15 30.50 -42.31
N ARG B 375 -34.72 29.29 -42.15
CA ARG B 375 -34.81 28.28 -43.24
C ARG B 375 -36.11 27.50 -43.09
N SER B 376 -36.83 27.31 -44.20
CA SER B 376 -37.99 26.40 -44.34
C SER B 376 -37.48 24.96 -44.32
N ALA B 377 -38.12 24.09 -43.55
CA ALA B 377 -37.78 22.65 -43.43
C ALA B 377 -38.04 21.96 -44.77
N ARG B 378 -39.15 22.32 -45.44
CA ARG B 378 -39.63 21.68 -46.69
C ARG B 378 -39.54 20.16 -46.54
N LEU B 379 -40.13 19.63 -45.47
CA LEU B 379 -40.05 18.19 -45.11
C LEU B 379 -40.75 17.36 -46.20
N GLY B 380 -40.09 16.31 -46.68
CA GLY B 380 -40.64 15.32 -47.62
C GLY B 380 -40.61 13.93 -47.03
N ALA B 381 -41.78 13.30 -46.86
CA ALA B 381 -41.99 12.05 -46.09
C ALA B 381 -42.63 10.97 -46.97
N SER B 382 -42.57 11.13 -48.29
CA SER B 382 -43.31 10.33 -49.30
C SER B 382 -42.83 8.88 -49.34
N ASN B 383 -41.53 8.64 -49.10
CA ASN B 383 -40.85 7.33 -49.25
C ASN B 383 -40.77 6.59 -47.90
N LEU B 384 -41.42 7.10 -46.85
CA LEU B 384 -41.49 6.43 -45.52
C LEU B 384 -42.37 5.18 -45.62
N PRO B 385 -42.19 4.17 -44.73
CA PRO B 385 -43.02 2.96 -44.76
C PRO B 385 -44.48 3.27 -44.38
N ALA B 386 -45.42 2.49 -44.90
CA ALA B 386 -46.88 2.60 -44.62
C ALA B 386 -47.10 2.70 -43.11
N GLY B 387 -48.01 3.58 -42.67
CA GLY B 387 -48.37 3.77 -41.25
C GLY B 387 -47.60 4.90 -40.60
N ILE B 388 -46.54 5.40 -41.26
CA ILE B 388 -45.78 6.62 -40.85
C ILE B 388 -46.08 7.72 -41.86
N SER B 389 -46.94 8.66 -41.47
CA SER B 389 -47.33 9.86 -42.25
C SER B 389 -47.26 11.09 -41.35
N LEU B 390 -46.66 12.17 -41.84
CA LEU B 390 -46.59 13.47 -41.10
C LEU B 390 -48.01 14.03 -40.99
N PRO B 391 -48.46 14.42 -39.77
CA PRO B 391 -49.75 15.09 -39.61
C PRO B 391 -49.64 16.56 -39.99
N ALA B 392 -50.78 17.27 -40.02
CA ALA B 392 -50.88 18.71 -40.35
C ALA B 392 -50.10 19.53 -39.32
N SER B 393 -50.15 19.13 -38.05
CA SER B 393 -49.47 19.78 -36.90
C SER B 393 -48.96 18.73 -35.92
N ALA B 394 -47.98 19.10 -35.08
CA ALA B 394 -47.36 18.22 -34.07
C ALA B 394 -46.84 19.04 -32.89
N LYS B 395 -46.82 18.43 -31.71
CA LYS B 395 -46.40 19.04 -30.42
C LYS B 395 -44.88 19.26 -30.45
N LEU B 396 -44.44 20.50 -30.16
CA LEU B 396 -43.01 20.83 -29.93
C LEU B 396 -42.66 20.46 -28.47
N LEU B 397 -41.79 19.47 -28.27
CA LEU B 397 -41.29 19.07 -26.93
C LEU B 397 -40.14 19.98 -26.53
N LEU B 398 -39.17 20.20 -27.43
CA LEU B 398 -37.99 21.08 -27.16
C LEU B 398 -37.48 21.70 -28.46
N SER B 399 -37.30 23.02 -28.47
CA SER B 399 -36.40 23.76 -29.40
C SER B 399 -35.09 24.07 -28.67
N THR B 400 -33.96 23.97 -29.38
CA THR B 400 -32.61 24.32 -28.87
C THR B 400 -32.44 25.84 -28.84
N ASP B 401 -33.32 26.58 -29.53
CA ASP B 401 -33.40 28.06 -29.48
C ASP B 401 -34.19 28.43 -28.20
N SER B 402 -33.48 28.88 -27.16
CA SER B 402 -34.04 29.20 -25.81
C SER B 402 -35.18 30.22 -25.94
N ALA B 403 -35.05 31.19 -26.84
CA ALA B 403 -36.10 32.21 -27.14
C ALA B 403 -37.40 31.49 -27.50
N ARG B 404 -37.35 30.56 -28.45
CA ARG B 404 -38.54 29.81 -28.95
C ARG B 404 -39.04 28.85 -27.87
N GLN B 405 -38.14 28.20 -27.13
CA GLN B 405 -38.47 27.19 -26.09
C GLN B 405 -39.30 27.86 -24.99
N SER B 406 -38.99 29.11 -24.65
CA SER B 406 -39.65 29.91 -23.59
C SER B 406 -40.99 30.45 -24.07
N ARG B 407 -41.32 30.28 -25.35
CA ARG B 407 -42.56 30.84 -25.97
C ARG B 407 -43.44 29.73 -26.56
N GLU B 408 -42.87 28.58 -26.96
CA GLU B 408 -43.58 27.57 -27.79
C GLU B 408 -43.43 26.14 -27.26
N GLU B 409 -42.74 25.92 -26.15
CA GLU B 409 -42.61 24.56 -25.55
C GLU B 409 -44.01 23.98 -25.35
N ASP B 410 -44.22 22.73 -25.76
CA ASP B 410 -45.51 22.00 -25.62
C ASP B 410 -46.64 22.78 -26.32
N THR B 411 -46.37 23.35 -27.49
CA THR B 411 -47.38 23.99 -28.38
C THR B 411 -47.42 23.25 -29.72
N SER B 412 -48.54 23.37 -30.44
CA SER B 412 -48.79 22.73 -31.75
C SER B 412 -48.22 23.61 -32.86
N LEU B 413 -47.37 23.04 -33.73
CA LEU B 413 -46.73 23.75 -34.89
C LEU B 413 -47.15 23.08 -36.20
N LYS B 414 -47.55 23.90 -37.19
CA LYS B 414 -47.92 23.46 -38.55
C LYS B 414 -46.64 23.05 -39.30
N LEU B 415 -46.61 21.83 -39.84
CA LEU B 415 -45.39 21.19 -40.43
C LEU B 415 -45.19 21.64 -41.88
N GLU B 416 -46.27 21.90 -42.62
CA GLU B 416 -46.22 22.18 -44.08
C GLU B 416 -45.37 23.43 -44.35
N ASN B 417 -45.46 24.46 -43.50
CA ASN B 417 -44.76 25.76 -43.66
C ASN B 417 -43.74 25.94 -42.51
N LEU B 418 -43.31 24.84 -41.88
CA LEU B 418 -42.37 24.85 -40.73
C LEU B 418 -41.11 25.63 -41.12
N SER B 419 -40.71 26.59 -40.29
CA SER B 419 -39.45 27.37 -40.46
C SER B 419 -38.62 27.25 -39.18
N LEU B 420 -37.29 27.29 -39.29
CA LEU B 420 -36.36 27.19 -38.15
C LEU B 420 -35.50 28.44 -38.08
N ASN B 421 -35.16 28.87 -36.85
CA ASN B 421 -34.26 30.00 -36.55
C ASN B 421 -32.82 29.57 -36.79
N PRO B 422 -31.85 30.51 -36.85
CA PRO B 422 -30.45 30.15 -37.09
C PRO B 422 -29.92 29.13 -36.06
N TYR B 423 -29.28 28.07 -36.56
CA TYR B 423 -28.64 26.98 -35.76
C TYR B 423 -29.66 26.34 -34.80
N GLU B 424 -30.95 26.38 -35.14
CA GLU B 424 -32.04 25.88 -34.27
C GLU B 424 -32.29 24.39 -34.54
N GLY B 425 -32.51 23.63 -33.47
CA GLY B 425 -32.96 22.22 -33.52
C GLY B 425 -34.33 22.06 -32.91
N LEU B 426 -35.24 21.33 -33.58
CA LEU B 426 -36.60 21.03 -33.09
C LEU B 426 -36.75 19.52 -32.84
N LEU B 427 -37.33 19.18 -31.69
CA LEU B 427 -37.84 17.84 -31.35
C LEU B 427 -39.36 17.95 -31.23
N LEU B 428 -40.09 17.36 -32.19
CA LEU B 428 -41.57 17.34 -32.21
C LEU B 428 -42.06 15.90 -32.02
N GLN B 429 -43.29 15.77 -31.53
CA GLN B 429 -43.96 14.49 -31.18
C GLN B 429 -45.30 14.43 -31.91
N PHE B 430 -45.66 13.26 -32.45
CA PHE B 430 -47.01 13.00 -33.02
C PHE B 430 -47.35 11.52 -32.86
N PRO B 431 -48.62 11.17 -32.58
CA PRO B 431 -49.00 9.79 -32.31
C PRO B 431 -49.31 8.98 -33.58
N PHE B 432 -49.36 7.65 -33.45
CA PHE B 432 -49.88 6.74 -34.51
C PHE B 432 -51.38 6.97 -34.66
N VAL B 433 -51.88 7.00 -35.91
CA VAL B 433 -53.30 7.24 -36.27
C VAL B 433 -53.91 5.93 -36.80
N ALA B 434 -54.90 5.39 -36.09
CA ALA B 434 -55.61 4.13 -36.41
C ALA B 434 -57.00 4.46 -36.99
N SER C 5 29.73 -34.54 34.01
CA SER C 5 29.05 -33.22 33.83
C SER C 5 27.52 -33.37 33.77
N ASP C 6 26.99 -34.59 33.95
CA ASP C 6 25.53 -34.89 34.04
C ASP C 6 25.14 -35.10 35.52
N LEU C 7 23.96 -34.62 35.92
CA LEU C 7 23.37 -34.86 37.27
C LEU C 7 23.11 -36.35 37.44
N ILE C 8 22.44 -36.96 36.45
CA ILE C 8 22.17 -38.42 36.34
C ILE C 8 22.90 -38.92 35.09
N PRO C 9 24.08 -39.56 35.23
CA PRO C 9 24.99 -39.77 34.11
C PRO C 9 24.45 -40.79 33.08
N ALA C 10 24.99 -40.77 31.86
CA ALA C 10 24.58 -41.63 30.73
C ALA C 10 25.35 -42.95 30.79
N PRO C 11 24.76 -44.06 30.29
CA PRO C 11 25.48 -45.33 30.17
C PRO C 11 26.28 -45.35 28.87
N PRO C 12 27.39 -46.12 28.78
CA PRO C 12 28.04 -46.35 27.49
C PRO C 12 27.11 -47.17 26.58
N LEU C 13 27.24 -47.01 25.26
CA LEU C 13 26.44 -47.74 24.24
C LEU C 13 26.85 -49.22 24.22
N SER C 14 28.02 -49.55 24.78
CA SER C 14 28.48 -50.95 25.00
C SER C 14 27.57 -51.68 25.99
N LYS C 15 26.82 -50.95 26.83
CA LYS C 15 25.87 -51.52 27.83
C LYS C 15 24.42 -51.39 27.37
N VAL C 16 24.20 -51.07 26.08
CA VAL C 16 22.85 -50.98 25.44
C VAL C 16 22.76 -52.05 24.36
N PRO C 17 21.95 -53.12 24.54
CA PRO C 17 21.81 -54.16 23.52
C PRO C 17 21.19 -53.63 22.21
N LEU C 18 21.48 -54.33 21.09
CA LEU C 18 20.90 -54.07 19.75
C LEU C 18 20.09 -55.30 19.31
N GLN C 19 18.81 -55.12 18.99
CA GLN C 19 17.92 -56.17 18.43
C GLN C 19 18.63 -56.83 17.24
N GLN C 20 18.92 -58.13 17.35
CA GLN C 20 19.62 -58.92 16.30
C GLN C 20 18.72 -59.01 15.05
N ASN C 21 19.34 -58.94 13.87
CA ASN C 21 18.68 -59.22 12.57
C ASN C 21 17.40 -58.38 12.50
N PHE C 22 17.54 -57.05 12.61
CA PHE C 22 16.42 -56.07 12.66
C PHE C 22 15.68 -56.06 11.31
N GLN C 23 14.39 -56.40 11.33
CA GLN C 23 13.48 -56.40 10.16
C GLN C 23 12.79 -55.03 10.08
N ASP C 24 13.36 -54.11 9.30
CA ASP C 24 12.90 -52.69 9.19
C ASP C 24 11.48 -52.65 8.61
N ASN C 25 11.06 -53.69 7.88
CA ASN C 25 9.70 -53.78 7.28
C ASN C 25 8.69 -54.20 8.36
N GLN C 26 8.99 -55.25 9.13
CA GLN C 26 8.11 -55.77 10.22
C GLN C 26 7.91 -54.70 11.31
N PHE C 27 8.86 -53.78 11.46
CA PHE C 27 8.87 -52.73 12.53
C PHE C 27 8.01 -51.53 12.11
N HIS C 28 7.65 -51.43 10.82
CA HIS C 28 6.95 -50.25 10.23
C HIS C 28 5.59 -50.05 10.89
N GLY C 29 5.01 -48.86 10.71
CA GLY C 29 3.65 -48.50 11.16
C GLY C 29 3.65 -47.81 12.51
N LYS C 30 2.51 -47.84 13.18
CA LYS C 30 2.19 -47.02 14.39
C LYS C 30 2.60 -47.75 15.66
N TRP C 31 3.29 -47.06 16.57
CA TRP C 31 3.60 -47.50 17.96
C TRP C 31 3.05 -46.48 18.95
N TYR C 32 2.39 -46.95 20.01
CA TYR C 32 1.96 -46.13 21.17
C TYR C 32 3.07 -46.17 22.23
N VAL C 33 3.36 -45.04 22.87
CA VAL C 33 4.42 -44.92 23.91
C VAL C 33 3.77 -45.26 25.27
N VAL C 34 3.88 -46.53 25.67
CA VAL C 34 3.27 -47.09 26.91
C VAL C 34 4.16 -46.73 28.11
N GLY C 35 5.49 -46.71 27.90
CA GLY C 35 6.49 -46.36 28.92
C GLY C 35 7.55 -45.42 28.38
N LEU C 36 8.06 -44.51 29.23
CA LEU C 36 9.15 -43.56 28.92
C LEU C 36 10.00 -43.35 30.17
N ALA C 37 11.33 -43.43 30.02
CA ALA C 37 12.34 -43.17 31.07
C ALA C 37 13.49 -42.36 30.47
N GLY C 38 14.20 -41.58 31.29
CA GLY C 38 15.37 -40.79 30.84
C GLY C 38 15.80 -39.74 31.84
N ASN C 39 16.98 -39.14 31.62
CA ASN C 39 17.62 -38.15 32.52
C ASN C 39 17.19 -36.73 32.13
N GLY C 40 16.35 -36.58 31.10
CA GLY C 40 15.80 -35.29 30.65
C GLY C 40 14.39 -35.07 31.20
N ASN C 41 13.68 -34.09 30.64
CA ASN C 41 12.26 -33.79 30.98
C ASN C 41 11.38 -34.99 30.60
N LEU C 42 10.41 -35.32 31.46
CA LEU C 42 9.43 -36.42 31.25
C LEU C 42 8.00 -35.87 31.27
N ARG C 43 7.83 -34.55 31.14
CA ARG C 43 6.52 -33.86 31.09
C ARG C 43 6.59 -32.72 30.05
N GLU C 44 5.46 -32.48 29.36
CA GLU C 44 5.28 -31.36 28.39
C GLU C 44 4.66 -30.16 29.12
N ASP C 45 3.72 -30.42 30.04
CA ASP C 45 2.98 -29.40 30.82
C ASP C 45 3.19 -29.68 32.32
N LYS C 46 2.23 -29.28 33.16
CA LYS C 46 2.35 -29.24 34.64
C LYS C 46 1.94 -30.61 35.21
N ASP C 47 1.14 -31.37 34.46
CA ASP C 47 0.63 -32.72 34.83
C ASP C 47 1.53 -33.78 34.21
N PRO C 48 1.46 -35.05 34.69
CA PRO C 48 2.19 -36.15 34.06
C PRO C 48 1.97 -36.23 32.54
N LEU C 49 3.01 -36.64 31.80
CA LEU C 49 3.00 -36.68 30.31
C LEU C 49 1.89 -37.62 29.85
N LYS C 50 1.07 -37.17 28.90
CA LYS C 50 -0.02 -37.97 28.29
C LYS C 50 0.57 -38.76 27.11
N MET C 51 0.06 -39.98 26.89
CA MET C 51 0.51 -40.92 25.83
C MET C 51 0.55 -40.19 24.47
N TYR C 52 1.56 -40.50 23.66
CA TYR C 52 1.67 -40.09 22.24
C TYR C 52 1.92 -41.33 21.39
N ALA C 53 1.88 -41.16 20.07
CA ALA C 53 2.11 -42.22 19.07
C ALA C 53 3.23 -41.79 18.12
N THR C 54 4.08 -42.74 17.73
CA THR C 54 5.19 -42.56 16.75
C THR C 54 4.94 -43.52 15.59
N ILE C 55 4.91 -43.02 14.35
CA ILE C 55 4.70 -43.81 13.11
C ILE C 55 6.04 -43.88 12.37
N TYR C 56 6.60 -45.09 12.25
CA TYR C 56 7.82 -45.39 11.46
C TYR C 56 7.37 -45.80 10.04
N GLU C 57 7.53 -44.89 9.08
CA GLU C 57 7.18 -45.10 7.65
C GLU C 57 8.47 -45.36 6.87
N LEU C 58 8.73 -46.62 6.49
CA LEU C 58 9.96 -47.04 5.77
C LEU C 58 9.94 -46.50 4.34
N LYS C 59 10.92 -45.65 3.99
CA LYS C 59 11.11 -45.10 2.61
C LYS C 59 11.89 -46.12 1.76
N GLU C 60 12.12 -45.79 0.49
CA GLU C 60 12.79 -46.68 -0.50
C GLU C 60 14.29 -46.75 -0.20
N ASP C 61 14.89 -45.65 0.29
CA ASP C 61 16.33 -45.56 0.66
C ASP C 61 16.56 -46.15 2.05
N LYS C 62 15.56 -46.80 2.64
CA LYS C 62 15.62 -47.58 3.91
C LYS C 62 15.99 -46.68 5.09
N SER C 63 15.64 -45.38 5.01
CA SER C 63 15.51 -44.46 6.17
C SER C 63 14.04 -44.43 6.59
N TYR C 64 13.75 -43.95 7.81
CA TYR C 64 12.38 -43.83 8.35
C TYR C 64 11.94 -42.36 8.29
N ASN C 65 10.77 -42.11 7.70
CA ASN C 65 9.95 -40.89 7.95
C ASN C 65 9.20 -41.12 9.26
N VAL C 66 9.72 -40.60 10.37
CA VAL C 66 9.16 -40.80 11.73
C VAL C 66 8.27 -39.61 12.07
N THR C 67 7.01 -39.90 12.43
CA THR C 67 5.96 -38.88 12.72
C THR C 67 5.45 -39.09 14.14
N ASP C 68 5.79 -38.19 15.06
CA ASP C 68 5.28 -38.18 16.46
C ASP C 68 3.93 -37.47 16.47
N VAL C 69 2.88 -38.16 16.93
CA VAL C 69 1.48 -37.64 17.02
C VAL C 69 1.25 -37.12 18.43
N LEU C 70 1.06 -35.80 18.58
CA LEU C 70 1.01 -35.10 19.89
C LEU C 70 -0.34 -34.38 20.08
N PHE C 71 -0.94 -34.54 21.26
CA PHE C 71 -2.14 -33.79 21.72
C PHE C 71 -1.67 -32.69 22.68
N ILE C 72 -1.43 -31.49 22.13
CA ILE C 72 -0.78 -30.33 22.83
C ILE C 72 -1.64 -29.09 22.62
N ASP C 73 -1.96 -28.39 23.72
CA ASP C 73 -2.85 -27.20 23.78
C ASP C 73 -4.18 -27.53 23.08
N LYS C 74 -4.71 -28.72 23.32
CA LYS C 74 -6.07 -29.18 22.90
C LYS C 74 -6.20 -29.14 21.37
N LYS C 75 -5.14 -29.52 20.65
CA LYS C 75 -5.12 -29.74 19.18
C LYS C 75 -4.08 -30.82 18.85
N CYS C 76 -4.19 -31.45 17.67
CA CYS C 76 -3.24 -32.47 17.16
C CYS C 76 -2.05 -31.77 16.47
N HIS C 77 -0.81 -32.09 16.87
CA HIS C 77 0.45 -31.57 16.28
C HIS C 77 1.35 -32.75 15.90
N TYR C 78 2.13 -32.58 14.81
CA TYR C 78 2.91 -33.66 14.15
C TYR C 78 4.36 -33.23 13.97
N LEU C 79 5.28 -33.85 14.70
CA LEU C 79 6.76 -33.71 14.50
C LEU C 79 7.19 -34.72 13.43
N ILE C 80 7.68 -34.25 12.29
CA ILE C 80 8.17 -35.10 11.15
C ILE C 80 9.70 -35.01 11.11
N ASN C 81 10.38 -36.14 11.24
CA ASN C 81 11.87 -36.22 11.28
C ASN C 81 12.33 -37.42 10.45
N THR C 82 13.64 -37.50 10.17
CA THR C 82 14.27 -38.55 9.33
C THR C 82 15.31 -39.31 10.17
N PHE C 83 15.06 -40.59 10.43
CA PHE C 83 15.99 -41.54 11.08
C PHE C 83 16.84 -42.18 9.98
N VAL C 84 18.04 -41.64 9.73
CA VAL C 84 18.99 -42.14 8.69
C VAL C 84 19.75 -43.32 9.29
N PRO C 85 19.96 -44.44 8.54
CA PRO C 85 20.64 -45.61 9.10
C PRO C 85 22.09 -45.32 9.51
N GLY C 86 22.58 -46.03 10.53
CA GLY C 86 23.96 -45.97 11.03
C GLY C 86 24.79 -47.15 10.54
N SER C 87 25.78 -47.58 11.33
CA SER C 87 26.67 -48.73 11.03
C SER C 87 25.83 -49.99 10.81
N GLN C 88 25.18 -50.50 11.86
CA GLN C 88 24.37 -51.75 11.81
C GLN C 88 22.90 -51.41 11.52
N PRO C 89 22.09 -52.38 11.06
CA PRO C 89 20.64 -52.19 10.97
C PRO C 89 20.02 -52.16 12.38
N GLY C 90 19.02 -51.30 12.59
CA GLY C 90 18.36 -51.07 13.88
C GLY C 90 18.91 -49.85 14.60
N GLU C 91 20.08 -49.36 14.17
CA GLU C 91 20.70 -48.08 14.62
C GLU C 91 20.37 -47.00 13.59
N PHE C 92 20.14 -45.76 14.05
CA PHE C 92 19.85 -44.59 13.18
C PHE C 92 20.50 -43.33 13.78
N THR C 93 20.66 -42.30 12.94
CA THR C 93 21.19 -40.95 13.31
C THR C 93 20.13 -39.90 12.97
N LEU C 94 20.35 -38.65 13.39
CA LEU C 94 19.41 -37.51 13.20
C LEU C 94 20.20 -36.23 12.87
N GLY C 95 19.79 -35.51 11.83
CA GLY C 95 20.48 -34.30 11.33
C GLY C 95 21.73 -34.66 10.54
N SER C 96 22.55 -33.66 10.20
CA SER C 96 23.81 -33.80 9.41
C SER C 96 24.95 -34.28 10.32
N ILE C 97 25.55 -35.44 10.00
CA ILE C 97 26.69 -36.03 10.74
C ILE C 97 27.98 -35.31 10.32
N LYS C 98 28.68 -34.70 11.29
CA LYS C 98 29.84 -33.79 11.02
C LYS C 98 31.13 -34.58 11.24
N SER C 99 31.35 -35.11 12.44
CA SER C 99 32.54 -35.92 12.82
C SER C 99 32.20 -37.42 12.81
N THR C 100 33.19 -38.27 13.08
CA THR C 100 33.05 -39.75 13.25
C THR C 100 32.95 -40.06 14.76
N LEU C 101 33.57 -39.23 15.61
CA LEU C 101 33.40 -39.25 17.09
C LEU C 101 31.99 -38.75 17.44
N GLY C 102 31.55 -37.67 16.78
CA GLY C 102 30.22 -37.05 16.97
C GLY C 102 29.18 -37.59 16.00
N SER C 103 29.42 -38.77 15.40
CA SER C 103 28.46 -39.53 14.55
C SER C 103 27.50 -40.32 15.44
N THR C 104 27.85 -40.45 16.72
CA THR C 104 27.09 -41.19 17.77
C THR C 104 26.34 -40.20 18.66
N SER C 105 26.47 -38.89 18.41
CA SER C 105 25.97 -37.80 19.29
C SER C 105 24.44 -37.73 19.26
N ARG C 106 23.83 -37.76 18.07
CA ARG C 106 22.36 -37.86 17.86
C ARG C 106 22.06 -39.24 17.25
N LEU C 107 21.67 -40.22 18.07
CA LEU C 107 21.53 -41.63 17.65
C LEU C 107 20.31 -42.29 18.31
N VAL C 108 19.63 -43.16 17.55
CA VAL C 108 18.50 -44.03 17.98
C VAL C 108 18.93 -45.49 17.80
N ARG C 109 18.62 -46.36 18.77
CA ARG C 109 18.96 -47.81 18.71
C ARG C 109 17.80 -48.66 19.25
N VAL C 110 17.30 -49.57 18.43
CA VAL C 110 16.23 -50.55 18.78
C VAL C 110 16.87 -51.67 19.61
N VAL C 111 16.49 -51.78 20.89
CA VAL C 111 17.08 -52.75 21.87
C VAL C 111 16.47 -54.13 21.62
N SER C 112 15.15 -54.25 21.77
CA SER C 112 14.39 -55.52 21.56
C SER C 112 12.98 -55.23 21.03
N THR C 113 12.42 -56.15 20.23
CA THR C 113 11.03 -56.10 19.69
C THR C 113 10.66 -57.48 19.12
N ASN C 114 9.38 -57.84 19.24
CA ASN C 114 8.75 -59.01 18.55
C ASN C 114 7.88 -58.49 17.40
N TYR C 115 7.93 -57.17 17.12
CA TYR C 115 7.45 -56.50 15.88
C TYR C 115 5.94 -56.29 15.88
N ASN C 116 5.14 -57.16 16.52
CA ASN C 116 3.66 -57.12 16.40
C ASN C 116 3.00 -56.95 17.78
N GLN C 117 3.78 -56.67 18.84
CA GLN C 117 3.23 -56.43 20.21
C GLN C 117 4.02 -55.32 20.91
N HIS C 118 5.29 -55.57 21.25
CA HIS C 118 6.13 -54.66 22.07
C HIS C 118 7.44 -54.33 21.34
N ALA C 119 8.09 -53.23 21.74
CA ALA C 119 9.42 -52.79 21.28
C ALA C 119 10.04 -51.87 22.35
N MET C 120 11.37 -51.89 22.46
CA MET C 120 12.17 -50.99 23.34
C MET C 120 13.25 -50.30 22.51
N VAL C 121 13.26 -48.97 22.51
CA VAL C 121 14.15 -48.13 21.66
C VAL C 121 14.90 -47.14 22.54
N PHE C 122 16.23 -47.08 22.39
CA PHE C 122 17.15 -46.19 23.13
C PHE C 122 17.42 -44.95 22.28
N PHE C 123 17.37 -43.77 22.90
CA PHE C 123 17.70 -42.46 22.28
C PHE C 123 18.92 -41.87 22.99
N LYS C 124 19.91 -41.42 22.21
CA LYS C 124 21.08 -40.64 22.69
C LYS C 124 21.07 -39.27 22.00
N TRP C 125 21.22 -38.19 22.77
CA TRP C 125 21.32 -36.79 22.26
C TRP C 125 22.28 -36.00 23.15
N VAL C 126 23.46 -35.67 22.61
CA VAL C 126 24.48 -34.82 23.30
C VAL C 126 24.02 -33.37 23.24
N HIS C 127 24.24 -32.61 24.32
CA HIS C 127 23.89 -31.18 24.46
C HIS C 127 24.90 -30.51 25.41
N GLN C 128 25.95 -29.91 24.86
CA GLN C 128 26.95 -29.10 25.63
C GLN C 128 27.57 -29.96 26.75
N ASN C 129 28.36 -30.97 26.36
CA ASN C 129 29.19 -31.83 27.26
C ASN C 129 28.29 -32.67 28.17
N ARG C 130 27.01 -32.80 27.82
CA ARG C 130 26.01 -33.61 28.56
C ARG C 130 25.28 -34.49 27.55
N GLU C 131 24.79 -35.66 28.00
CA GLU C 131 24.04 -36.62 27.15
C GLU C 131 22.65 -36.83 27.74
N TRP C 132 21.62 -36.43 27.00
CA TRP C 132 20.23 -36.93 27.17
C TRP C 132 20.18 -38.36 26.67
N PHE C 133 19.72 -39.29 27.51
CA PHE C 133 19.39 -40.68 27.11
C PHE C 133 17.97 -41.01 27.60
N TYR C 134 17.20 -41.64 26.73
CA TYR C 134 15.80 -42.06 26.97
C TYR C 134 15.64 -43.53 26.55
N ILE C 135 14.73 -44.23 27.22
CA ILE C 135 14.24 -45.58 26.78
C ILE C 135 12.74 -45.47 26.56
N THR C 136 12.30 -45.69 25.33
CA THR C 136 10.87 -45.70 24.92
C THR C 136 10.39 -47.16 24.90
N LEU C 137 9.36 -47.47 25.70
CA LEU C 137 8.61 -48.76 25.64
C LEU C 137 7.42 -48.57 24.70
N TYR C 138 7.51 -49.12 23.49
CA TYR C 138 6.47 -49.03 22.44
C TYR C 138 5.49 -50.20 22.55
N GLY C 139 4.21 -49.96 22.23
CA GLY C 139 3.17 -50.98 22.10
C GLY C 139 2.31 -50.73 20.86
N ARG C 140 1.82 -51.80 20.22
CA ARG C 140 0.88 -51.73 19.07
C ARG C 140 -0.53 -51.41 19.58
N THR C 141 -0.80 -51.71 20.85
CA THR C 141 -1.96 -51.24 21.63
C THR C 141 -1.47 -50.29 22.73
N LYS C 142 -2.39 -49.63 23.43
CA LYS C 142 -2.09 -48.66 24.52
C LYS C 142 -1.79 -49.41 25.82
N GLU C 143 -2.17 -50.69 25.90
CA GLU C 143 -1.96 -51.57 27.08
C GLU C 143 -0.80 -52.53 26.80
N LEU C 144 0.00 -52.82 27.83
CA LEU C 144 0.98 -53.95 27.86
C LEU C 144 0.96 -54.56 29.27
N THR C 145 1.28 -55.85 29.37
CA THR C 145 1.17 -56.67 30.61
C THR C 145 2.15 -56.16 31.67
N SER C 146 1.93 -56.54 32.93
CA SER C 146 2.75 -56.16 34.12
C SER C 146 4.20 -56.64 33.93
N GLU C 147 4.40 -57.80 33.29
CA GLU C 147 5.73 -58.41 33.04
C GLU C 147 6.55 -57.50 32.12
N LEU C 148 5.97 -57.06 31.00
CA LEU C 148 6.62 -56.18 30.00
C LEU C 148 6.93 -54.82 30.63
N LYS C 149 6.00 -54.27 31.40
CA LYS C 149 6.15 -52.99 32.15
C LYS C 149 7.21 -53.14 33.25
N GLU C 150 7.32 -54.33 33.85
CA GLU C 150 8.33 -54.65 34.89
C GLU C 150 9.71 -54.80 34.25
N ASN C 151 9.79 -55.45 33.07
CA ASN C 151 11.04 -55.61 32.28
C ASN C 151 11.61 -54.23 31.97
N PHE C 152 10.74 -53.27 31.63
CA PHE C 152 11.10 -51.88 31.24
C PHE C 152 11.74 -51.15 32.43
N ILE C 153 11.17 -51.29 33.63
CA ILE C 153 11.71 -50.66 34.88
C ILE C 153 13.09 -51.27 35.18
N ARG C 154 13.18 -52.61 35.18
CA ARG C 154 14.43 -53.36 35.46
C ARG C 154 15.54 -52.86 34.52
N PHE C 155 15.25 -52.80 33.21
CA PHE C 155 16.20 -52.35 32.16
C PHE C 155 16.52 -50.86 32.33
N SER C 156 15.52 -50.04 32.63
CA SER C 156 15.67 -48.58 32.89
C SER C 156 16.63 -48.38 34.07
N LYS C 157 16.38 -49.07 35.19
CA LYS C 157 17.18 -48.99 36.44
C LYS C 157 18.61 -49.50 36.18
N SER C 158 18.78 -50.48 35.29
CA SER C 158 20.08 -51.14 35.00
C SER C 158 21.04 -50.17 34.28
N LEU C 159 20.49 -49.14 33.62
CA LEU C 159 21.27 -48.10 32.87
C LEU C 159 21.46 -46.85 33.73
N GLY C 160 21.09 -46.91 35.02
CA GLY C 160 21.41 -45.89 36.04
C GLY C 160 20.33 -44.83 36.16
N LEU C 161 19.06 -45.21 35.99
CA LEU C 161 17.88 -44.29 36.13
C LEU C 161 17.16 -44.60 37.44
N PRO C 162 16.91 -43.59 38.29
CA PRO C 162 16.02 -43.75 39.46
C PRO C 162 14.57 -44.05 39.04
N GLU C 163 13.75 -44.50 40.01
CA GLU C 163 12.33 -44.89 39.83
C GLU C 163 11.50 -43.66 39.41
N ASN C 164 11.84 -42.47 39.94
CA ASN C 164 11.08 -41.22 39.74
C ASN C 164 11.38 -40.62 38.35
N HIS C 165 12.33 -41.21 37.61
CA HIS C 165 12.67 -40.85 36.20
C HIS C 165 12.18 -41.94 35.23
N ILE C 166 11.22 -42.77 35.68
CA ILE C 166 10.53 -43.80 34.85
C ILE C 166 9.02 -43.57 34.99
N VAL C 167 8.32 -43.32 33.87
CA VAL C 167 6.87 -43.01 33.85
C VAL C 167 6.18 -43.86 32.79
N PHE C 168 4.86 -44.01 32.92
CA PHE C 168 3.97 -44.69 31.95
C PHE C 168 2.92 -43.67 31.49
N PRO C 169 3.19 -42.96 30.38
CA PRO C 169 2.30 -41.91 29.90
C PRO C 169 0.82 -42.29 29.99
N VAL C 170 0.00 -41.41 30.58
CA VAL C 170 -1.46 -41.61 30.80
C VAL C 170 -2.12 -41.84 29.44
N PRO C 171 -2.71 -43.03 29.19
CA PRO C 171 -3.41 -43.29 27.93
C PRO C 171 -4.46 -42.20 27.62
N ILE C 172 -4.47 -41.73 26.36
CA ILE C 172 -5.49 -40.79 25.83
C ILE C 172 -6.06 -41.43 24.54
N ASP C 173 -6.92 -40.69 23.82
CA ASP C 173 -7.65 -41.19 22.63
C ASP C 173 -7.60 -40.16 21.50
N GLN C 174 -7.76 -38.87 21.81
CA GLN C 174 -7.73 -37.77 20.80
C GLN C 174 -6.37 -37.79 20.07
N CYS C 175 -6.39 -37.73 18.73
CA CYS C 175 -5.22 -37.58 17.82
C CYS C 175 -4.54 -38.93 17.56
N ILE C 176 -4.21 -39.69 18.61
CA ILE C 176 -3.32 -40.89 18.54
C ILE C 176 -4.11 -42.13 18.09
N ASP C 177 -5.45 -42.06 17.98
CA ASP C 177 -6.32 -43.16 17.48
C ASP C 177 -6.54 -43.01 15.96
N GLY C 178 -5.59 -42.38 15.25
CA GLY C 178 -5.64 -42.20 13.79
C GLY C 178 -6.71 -41.20 13.37
N VAL D 16 24.10 6.83 36.27
CA VAL D 16 23.64 7.39 34.97
C VAL D 16 24.61 6.94 33.87
N GLN D 17 24.17 6.04 33.00
CA GLN D 17 24.90 5.62 31.76
C GLN D 17 23.86 5.36 30.66
N ARG D 18 24.34 5.19 29.42
CA ARG D 18 23.48 4.98 28.22
C ARG D 18 22.68 3.69 28.43
N TRP D 19 21.45 3.61 27.91
CA TRP D 19 20.52 2.48 28.17
C TRP D 19 21.14 1.17 27.67
N TRP D 20 21.89 1.19 26.58
CA TRP D 20 22.47 -0.01 25.93
C TRP D 20 23.74 -0.49 26.66
N HIS D 21 24.23 0.26 27.65
CA HIS D 21 25.31 -0.16 28.59
C HIS D 21 24.73 -1.16 29.61
N LYS D 22 23.42 -1.11 29.86
CA LYS D 22 22.77 -1.69 31.07
C LYS D 22 22.43 -3.18 30.89
N GLY D 23 22.66 -3.75 29.70
CA GLY D 23 22.37 -5.17 29.41
C GLY D 23 22.55 -5.54 27.94
N ALA D 24 22.06 -6.71 27.55
CA ALA D 24 22.30 -7.34 26.23
C ALA D 24 21.31 -6.79 25.19
N LEU D 25 21.69 -6.86 23.91
CA LEU D 25 20.81 -6.58 22.75
C LEU D 25 20.39 -7.92 22.14
N TYR D 26 19.19 -7.97 21.56
CA TYR D 26 18.47 -9.19 21.12
C TYR D 26 17.97 -8.96 19.69
N ARG D 27 18.61 -9.59 18.70
CA ARG D 27 18.35 -9.39 17.25
C ARG D 27 17.19 -10.28 16.80
N ILE D 28 16.19 -9.70 16.15
CA ILE D 28 15.00 -10.41 15.57
C ILE D 28 14.87 -9.98 14.10
N GLY D 29 15.58 -10.69 13.20
CA GLY D 29 15.62 -10.41 11.76
C GLY D 29 14.29 -10.71 11.08
N ASP D 30 13.73 -11.89 11.35
CA ASP D 30 12.47 -12.39 10.75
C ASP D 30 11.37 -12.40 11.82
N LEU D 31 10.60 -11.33 11.91
CA LEU D 31 9.52 -11.16 12.92
C LEU D 31 8.47 -12.26 12.75
N GLN D 32 8.25 -12.73 11.52
CA GLN D 32 7.28 -13.81 11.19
C GLN D 32 7.77 -15.14 11.77
N ALA D 33 9.06 -15.44 11.65
CA ALA D 33 9.71 -16.67 12.16
C ALA D 33 9.70 -16.67 13.69
N PHE D 34 9.90 -15.51 14.32
CA PHE D 34 9.96 -15.35 15.80
C PHE D 34 8.57 -15.56 16.39
N VAL D 35 7.51 -15.26 15.64
CA VAL D 35 6.09 -15.27 16.10
C VAL D 35 5.42 -16.57 15.68
N GLY D 36 5.69 -17.06 14.47
CA GLY D 36 5.04 -18.23 13.86
C GLY D 36 3.89 -17.81 12.95
N ARG D 37 3.05 -18.77 12.54
CA ARG D 37 1.93 -18.55 11.59
C ARG D 37 0.68 -18.08 12.35
N ASP D 38 0.73 -18.06 13.68
CA ASP D 38 -0.43 -17.81 14.59
C ASP D 38 -0.94 -16.37 14.42
N ALA D 39 -0.03 -15.39 14.33
CA ALA D 39 -0.35 -13.94 14.26
C ALA D 39 0.56 -13.23 13.25
N GLY D 40 0.33 -11.93 13.04
CA GLY D 40 1.16 -11.04 12.20
C GLY D 40 2.42 -10.60 12.94
N GLY D 41 3.49 -10.33 12.20
CA GLY D 41 4.87 -10.15 12.71
C GLY D 41 4.96 -9.15 13.84
N ILE D 42 4.52 -7.91 13.61
CA ILE D 42 4.65 -6.77 14.57
C ILE D 42 3.69 -6.98 15.75
N ALA D 43 2.41 -7.25 15.46
CA ALA D 43 1.34 -7.44 16.47
C ALA D 43 1.67 -8.64 17.37
N GLY D 44 2.17 -9.73 16.79
CA GLY D 44 2.53 -10.98 17.50
C GLY D 44 3.75 -10.80 18.39
N LEU D 45 4.70 -9.96 17.97
CA LEU D 45 5.95 -9.64 18.71
C LEU D 45 5.59 -9.01 20.06
N LYS D 46 4.54 -8.17 20.08
CA LYS D 46 4.06 -7.44 21.28
C LYS D 46 3.73 -8.43 22.40
N SER D 47 3.16 -9.58 22.07
CA SER D 47 2.61 -10.58 23.03
C SER D 47 3.74 -11.36 23.72
N HIS D 48 4.97 -11.33 23.18
CA HIS D 48 6.15 -12.10 23.70
C HIS D 48 7.09 -11.18 24.49
N LEU D 49 6.65 -9.98 24.87
CA LEU D 49 7.48 -8.98 25.60
C LEU D 49 7.74 -9.46 27.03
N GLU D 50 6.73 -10.04 27.68
CA GLU D 50 6.84 -10.57 29.06
C GLU D 50 8.01 -11.57 29.11
N TYR D 51 8.04 -12.53 28.18
CA TYR D 51 9.16 -13.50 28.04
C TYR D 51 10.48 -12.74 27.92
N LEU D 52 10.56 -11.79 26.98
CA LEU D 52 11.81 -11.02 26.68
C LEU D 52 12.28 -10.29 27.95
N SER D 53 11.37 -9.89 28.83
CA SER D 53 11.69 -9.27 30.15
C SER D 53 12.43 -10.25 31.06
N THR D 54 12.07 -11.55 31.02
CA THR D 54 12.71 -12.61 31.84
C THR D 54 14.18 -12.76 31.43
N LEU D 55 14.49 -12.48 30.16
CA LEU D 55 15.88 -12.51 29.60
C LEU D 55 16.65 -11.26 30.03
N LYS D 56 15.94 -10.20 30.42
CA LYS D 56 16.50 -8.92 30.93
C LYS D 56 17.28 -8.22 29.81
N VAL D 57 16.86 -8.40 28.56
CA VAL D 57 17.43 -7.69 27.36
C VAL D 57 16.99 -6.23 27.40
N LYS D 58 17.90 -5.31 27.12
CA LYS D 58 17.68 -3.84 27.22
C LYS D 58 17.18 -3.28 25.89
N GLY D 59 17.41 -3.97 24.78
CA GLY D 59 17.02 -3.52 23.42
C GLY D 59 16.70 -4.66 22.48
N LEU D 60 15.73 -4.47 21.58
CA LEU D 60 15.41 -5.39 20.46
C LEU D 60 15.86 -4.75 19.14
N VAL D 61 16.62 -5.49 18.34
CA VAL D 61 17.09 -5.06 16.99
C VAL D 61 16.22 -5.79 15.95
N LEU D 62 15.15 -5.11 15.50
CA LEU D 62 14.06 -5.72 14.67
C LEU D 62 14.33 -5.49 13.19
N GLY D 63 13.92 -6.45 12.34
CA GLY D 63 13.79 -6.26 10.90
C GLY D 63 15.08 -6.59 10.15
N PRO D 64 15.30 -6.04 8.93
CA PRO D 64 14.42 -5.03 8.34
C PRO D 64 12.95 -5.43 8.16
N ILE D 65 12.05 -4.45 8.23
CA ILE D 65 10.57 -4.60 8.08
C ILE D 65 10.07 -3.78 6.88
N HIS D 66 10.94 -3.01 6.22
CA HIS D 66 10.56 -2.00 5.20
C HIS D 66 10.30 -2.68 3.85
N LYS D 67 9.63 -1.97 2.94
CA LYS D 67 9.29 -2.45 1.57
C LYS D 67 10.58 -2.47 0.72
N ASN D 68 10.93 -3.61 0.14
CA ASN D 68 12.15 -3.77 -0.70
C ASN D 68 11.88 -4.76 -1.84
N GLN D 69 11.71 -4.24 -3.06
CA GLN D 69 11.68 -5.03 -4.33
C GLN D 69 13.13 -5.42 -4.65
N LYS D 70 13.44 -6.71 -4.60
CA LYS D 70 14.80 -7.28 -4.84
C LYS D 70 15.53 -6.48 -5.92
N ASP D 71 16.57 -5.73 -5.55
CA ASP D 71 17.57 -5.09 -6.44
C ASP D 71 16.93 -3.96 -7.28
N GLU D 72 15.88 -3.30 -6.78
CA GLU D 72 15.24 -2.12 -7.43
C GLU D 72 15.15 -0.97 -6.43
N ILE D 73 16.03 0.03 -6.58
CA ILE D 73 16.22 1.15 -5.59
C ILE D 73 14.94 2.00 -5.52
N ASN D 74 14.25 2.22 -6.65
CA ASN D 74 13.06 3.11 -6.72
C ASN D 74 11.83 2.38 -6.14
N GLU D 75 11.85 1.05 -6.08
CA GLU D 75 10.76 0.22 -5.49
C GLU D 75 11.17 -0.23 -4.08
N THR D 76 12.09 0.50 -3.44
CA THR D 76 12.55 0.29 -2.04
C THR D 76 12.28 1.56 -1.22
N ASP D 77 11.37 1.49 -0.25
CA ASP D 77 10.96 2.64 0.61
C ASP D 77 11.25 2.26 2.07
N LEU D 78 12.21 2.94 2.70
CA LEU D 78 12.73 2.62 4.06
C LEU D 78 11.70 3.07 5.11
N LYS D 79 10.73 3.90 4.74
CA LYS D 79 9.70 4.48 5.64
C LYS D 79 8.42 3.62 5.61
N GLN D 80 8.24 2.77 4.58
CA GLN D 80 7.02 1.94 4.39
C GLN D 80 7.25 0.53 4.94
N ILE D 81 6.42 0.10 5.89
CA ILE D 81 6.46 -1.25 6.51
C ILE D 81 5.78 -2.24 5.56
N ASN D 82 6.42 -3.39 5.31
CA ASN D 82 5.80 -4.52 4.56
C ASN D 82 4.42 -4.77 5.16
N PRO D 83 3.32 -4.55 4.39
CA PRO D 83 1.97 -4.67 4.94
C PRO D 83 1.69 -6.05 5.55
N THR D 84 2.35 -7.11 5.03
CA THR D 84 2.34 -8.49 5.59
C THR D 84 2.58 -8.45 7.10
N LEU D 85 3.63 -7.73 7.54
CA LEU D 85 4.10 -7.71 8.95
C LEU D 85 3.12 -6.95 9.84
N GLY D 86 2.51 -5.88 9.32
CA GLY D 86 1.53 -5.04 10.04
C GLY D 86 1.48 -3.62 9.51
N SER D 87 0.88 -2.71 10.29
CA SER D 87 0.69 -1.28 9.95
C SER D 87 1.59 -0.40 10.83
N GLN D 88 1.71 0.90 10.48
CA GLN D 88 2.41 1.93 11.29
C GLN D 88 1.83 1.94 12.71
N GLU D 89 0.50 1.80 12.82
CA GLU D 89 -0.27 1.78 14.09
C GLU D 89 0.18 0.60 14.95
N ASP D 90 0.34 -0.58 14.34
CA ASP D 90 0.82 -1.82 15.02
C ASP D 90 2.23 -1.60 15.57
N PHE D 91 3.07 -0.85 14.85
CA PHE D 91 4.50 -0.60 15.21
C PHE D 91 4.57 0.38 16.38
N LYS D 92 3.71 1.41 16.40
CA LYS D 92 3.61 2.38 17.52
C LYS D 92 3.19 1.66 18.80
N ASP D 93 2.26 0.70 18.70
CA ASP D 93 1.81 -0.14 19.85
C ASP D 93 3.02 -0.86 20.45
N LEU D 94 3.86 -1.46 19.59
CA LEU D 94 5.07 -2.21 19.97
C LEU D 94 6.05 -1.28 20.69
N LEU D 95 6.34 -0.11 20.11
CA LEU D 95 7.27 0.90 20.70
C LEU D 95 6.81 1.24 22.12
N GLN D 96 5.52 1.56 22.29
CA GLN D 96 4.91 1.99 23.57
C GLN D 96 4.90 0.83 24.56
N SER D 97 4.46 -0.36 24.14
CA SER D 97 4.42 -1.61 24.94
C SER D 97 5.82 -1.91 25.50
N ALA D 98 6.84 -1.83 24.64
CA ALA D 98 8.27 -2.10 24.98
C ALA D 98 8.77 -1.05 25.97
N LYS D 99 8.40 0.22 25.75
CA LYS D 99 8.83 1.38 26.58
C LYS D 99 8.38 1.15 28.03
N LYS D 100 7.16 0.64 28.24
CA LYS D 100 6.59 0.31 29.58
C LYS D 100 7.47 -0.74 30.29
N LYS D 101 8.13 -1.63 29.53
CA LYS D 101 8.95 -2.75 30.06
C LYS D 101 10.43 -2.35 30.17
N SER D 102 10.78 -1.10 29.84
CA SER D 102 12.16 -0.56 29.81
C SER D 102 13.00 -1.29 28.74
N ILE D 103 12.36 -1.63 27.62
CA ILE D 103 12.98 -2.28 26.43
C ILE D 103 12.94 -1.29 25.26
N HIS D 104 14.10 -0.97 24.69
CA HIS D 104 14.27 -0.02 23.56
C HIS D 104 14.21 -0.79 22.24
N ILE D 105 13.85 -0.10 21.15
CA ILE D 105 13.67 -0.71 19.80
C ILE D 105 14.71 -0.10 18.84
N ILE D 106 15.59 -0.95 18.31
CA ILE D 106 16.54 -0.64 17.20
C ILE D 106 15.89 -1.16 15.91
N LEU D 107 15.93 -0.36 14.84
CA LEU D 107 15.38 -0.76 13.51
C LEU D 107 16.53 -0.97 12.51
N ASP D 108 16.65 -2.18 11.98
CA ASP D 108 17.59 -2.51 10.88
C ASP D 108 17.05 -1.86 9.61
N LEU D 109 17.87 -1.04 8.95
CA LEU D 109 17.49 -0.31 7.70
C LEU D 109 18.42 -0.71 6.55
N THR D 110 19.06 -1.88 6.64
CA THR D 110 19.86 -2.45 5.53
C THR D 110 18.95 -2.45 4.31
N PRO D 111 19.21 -1.61 3.28
CA PRO D 111 18.19 -1.26 2.29
C PRO D 111 17.72 -2.45 1.43
N ASN D 112 18.66 -3.11 0.75
CA ASN D 112 18.38 -4.19 -0.24
C ASN D 112 18.60 -5.55 0.44
N TYR D 113 17.86 -5.82 1.52
CA TYR D 113 18.02 -7.01 2.39
C TYR D 113 17.46 -8.26 1.71
N GLN D 114 16.60 -8.07 0.70
CA GLN D 114 15.97 -9.17 -0.10
C GLN D 114 16.89 -9.60 -1.24
N GLY D 115 17.95 -8.83 -1.53
CA GLY D 115 18.88 -9.07 -2.66
C GLY D 115 20.28 -9.45 -2.17
N GLN D 116 21.20 -9.71 -3.11
CA GLN D 116 22.57 -10.20 -2.80
C GLN D 116 23.44 -9.01 -2.37
N ASN D 117 23.42 -7.89 -3.12
CA ASN D 117 24.14 -6.63 -2.77
C ASN D 117 23.25 -5.80 -1.85
N ALA D 118 23.56 -5.79 -0.55
CA ALA D 118 22.71 -5.27 0.55
C ALA D 118 22.50 -3.76 0.39
N TRP D 119 23.46 -3.05 -0.22
CA TRP D 119 23.48 -1.57 -0.34
C TRP D 119 23.28 -1.13 -1.79
N PHE D 120 22.68 -2.01 -2.61
CA PHE D 120 22.57 -1.86 -4.09
C PHE D 120 23.97 -1.76 -4.69
N LEU D 121 24.10 -1.19 -5.90
CA LEU D 121 25.40 -1.11 -6.62
C LEU D 121 26.27 -0.07 -5.95
N PRO D 122 27.61 -0.28 -5.89
CA PRO D 122 28.54 0.73 -5.35
C PRO D 122 28.31 2.17 -5.85
N ALA D 123 27.90 2.36 -7.11
CA ALA D 123 27.72 3.67 -7.76
C ALA D 123 26.43 4.35 -7.25
N GLN D 124 25.53 3.59 -6.61
CA GLN D 124 24.21 4.08 -6.12
C GLN D 124 24.29 4.47 -4.63
N ALA D 125 25.47 4.32 -4.01
CA ALA D 125 25.73 4.72 -2.61
C ALA D 125 25.16 6.11 -2.31
N ASP D 126 25.35 7.08 -3.20
CA ASP D 126 24.93 8.49 -3.02
C ASP D 126 23.39 8.57 -2.92
N ILE D 127 22.66 7.84 -3.77
CA ILE D 127 21.17 7.83 -3.78
C ILE D 127 20.67 7.14 -2.50
N VAL D 128 21.30 6.03 -2.11
CA VAL D 128 20.96 5.24 -0.88
C VAL D 128 21.09 6.15 0.34
N ALA D 129 22.18 6.92 0.42
CA ALA D 129 22.53 7.79 1.57
C ALA D 129 21.43 8.85 1.78
N THR D 130 20.92 9.45 0.70
CA THR D 130 19.82 10.46 0.75
C THR D 130 18.55 9.78 1.26
N LYS D 131 18.23 8.59 0.74
CA LYS D 131 17.07 7.76 1.20
C LYS D 131 17.22 7.47 2.70
N MET D 132 18.44 7.18 3.15
CA MET D 132 18.76 6.85 4.56
C MET D 132 18.55 8.09 5.44
N LYS D 133 19.13 9.23 5.04
CA LYS D 133 19.00 10.52 5.77
C LYS D 133 17.53 10.82 6.07
N GLU D 134 16.67 10.72 5.04
CA GLU D 134 15.21 10.98 5.13
C GLU D 134 14.57 9.98 6.09
N ALA D 135 14.90 8.69 5.96
CA ALA D 135 14.35 7.59 6.78
C ALA D 135 14.63 7.86 8.26
N LEU D 136 15.88 8.20 8.61
CA LEU D 136 16.37 8.35 10.00
C LEU D 136 15.49 9.35 10.76
N SER D 137 15.22 10.52 10.17
CA SER D 137 14.39 11.60 10.77
C SER D 137 12.99 11.06 11.09
N SER D 138 12.35 10.41 10.12
CA SER D 138 10.95 9.91 10.20
C SER D 138 10.80 8.89 11.33
N TRP D 139 11.70 7.90 11.41
CA TRP D 139 11.66 6.81 12.42
C TRP D 139 11.97 7.38 13.82
N LEU D 140 12.91 8.31 13.92
CA LEU D 140 13.26 9.00 15.19
C LEU D 140 12.02 9.71 15.75
N GLN D 141 11.29 10.45 14.91
CA GLN D 141 10.00 11.09 15.28
C GLN D 141 9.01 10.02 15.74
N ASP D 142 8.92 8.90 15.02
CA ASP D 142 7.97 7.79 15.32
C ASP D 142 8.29 7.19 16.70
N GLY D 143 9.53 7.33 17.16
CA GLY D 143 9.94 7.04 18.55
C GLY D 143 10.88 5.85 18.70
N VAL D 144 11.56 5.42 17.62
CA VAL D 144 12.59 4.33 17.69
C VAL D 144 13.85 4.92 18.34
N ASP D 145 14.63 4.09 19.03
CA ASP D 145 15.73 4.52 19.94
C ASP D 145 17.10 4.21 19.32
N GLY D 146 17.14 3.80 18.06
CA GLY D 146 18.41 3.49 17.37
C GLY D 146 18.19 2.73 16.06
N PHE D 147 19.29 2.41 15.36
CA PHE D 147 19.28 1.76 14.02
C PHE D 147 20.46 0.79 13.89
N GLN D 148 20.30 -0.24 13.05
CA GLN D 148 21.37 -1.20 12.68
C GLN D 148 21.59 -1.15 11.16
N PHE D 149 22.86 -1.22 10.73
CA PHE D 149 23.30 -1.27 9.32
C PHE D 149 24.27 -2.44 9.16
N ARG D 150 23.87 -3.47 8.40
CA ARG D 150 24.67 -4.72 8.22
C ARG D 150 25.36 -4.72 6.85
N ASP D 151 26.33 -5.63 6.66
CA ASP D 151 27.09 -5.81 5.40
C ASP D 151 27.72 -4.48 4.97
N VAL D 152 28.27 -3.72 5.93
CA VAL D 152 28.89 -2.38 5.68
C VAL D 152 30.21 -2.58 4.93
N GLY D 153 30.74 -3.81 4.89
CA GLY D 153 31.84 -4.21 4.00
C GLY D 153 31.47 -4.05 2.54
N LYS D 154 30.17 -4.13 2.21
CA LYS D 154 29.64 -3.99 0.82
C LYS D 154 29.11 -2.57 0.57
N LEU D 155 29.53 -1.58 1.37
CA LEU D 155 29.07 -0.16 1.24
C LEU D 155 30.26 0.74 0.88
N MET D 156 30.26 1.31 -0.32
CA MET D 156 31.22 2.37 -0.73
C MET D 156 31.25 3.47 0.34
N ASN D 157 32.43 3.79 0.87
CA ASN D 157 32.66 4.88 1.85
C ASN D 157 31.79 4.64 3.10
N ALA D 158 31.75 3.41 3.62
CA ALA D 158 30.97 3.03 4.82
C ALA D 158 31.36 3.92 6.00
N PRO D 159 32.68 4.14 6.26
CA PRO D 159 33.11 5.03 7.33
C PRO D 159 32.46 6.42 7.23
N LEU D 160 32.42 6.98 6.02
CA LEU D 160 31.91 8.34 5.73
C LEU D 160 30.42 8.42 6.01
N TYR D 161 29.64 7.43 5.58
CA TYR D 161 28.14 7.43 5.65
C TYR D 161 27.68 7.12 7.08
N LEU D 162 28.34 6.18 7.76
CA LEU D 162 28.04 5.85 9.18
C LEU D 162 28.22 7.12 10.02
N ALA D 163 29.28 7.89 9.76
CA ALA D 163 29.59 9.18 10.43
C ALA D 163 28.46 10.19 10.17
N GLU D 164 28.07 10.35 8.89
CA GLU D 164 26.97 11.25 8.47
C GLU D 164 25.69 10.87 9.22
N TRP D 165 25.35 9.58 9.23
CA TRP D 165 24.09 9.07 9.84
C TRP D 165 24.13 9.26 11.36
N GLN D 166 25.32 9.17 11.97
CA GLN D 166 25.52 9.46 13.41
C GLN D 166 25.25 10.96 13.65
N ASN D 167 25.86 11.84 12.84
CA ASN D 167 25.66 13.31 12.92
C ASN D 167 24.16 13.61 12.80
N ILE D 168 23.47 13.02 11.81
CA ILE D 168 22.02 13.21 11.55
C ILE D 168 21.23 12.78 12.79
N THR D 169 21.57 11.62 13.37
CA THR D 169 20.89 11.01 14.55
C THR D 169 21.15 11.84 15.82
N LYS D 170 22.41 12.25 16.06
CA LYS D 170 22.86 13.04 17.23
C LYS D 170 22.25 14.45 17.20
N ASN D 171 22.18 15.05 16.00
CA ASN D 171 21.58 16.40 15.73
C ASN D 171 20.12 16.42 16.21
N LEU D 172 19.43 15.28 16.17
CA LEU D 172 17.97 15.15 16.46
C LEU D 172 17.73 14.66 17.90
N SER D 173 18.68 13.90 18.49
CA SER D 173 18.65 13.48 19.92
C SER D 173 20.03 12.91 20.33
N GLU D 174 20.33 12.88 21.63
CA GLU D 174 21.66 12.46 22.18
C GLU D 174 21.65 10.96 22.53
N ASP D 175 20.55 10.43 23.07
CA ASP D 175 20.47 9.10 23.72
C ASP D 175 20.03 8.02 22.71
N ARG D 176 20.57 8.06 21.49
CA ARG D 176 20.22 7.14 20.37
C ARG D 176 21.47 6.32 19.98
N LEU D 177 21.29 5.02 19.72
CA LEU D 177 22.36 4.03 19.44
C LEU D 177 22.37 3.66 17.95
N LEU D 178 23.55 3.62 17.33
CA LEU D 178 23.77 3.06 15.96
C LEU D 178 24.61 1.78 16.07
N ILE D 179 24.18 0.72 15.38
CA ILE D 179 24.91 -0.58 15.29
C ILE D 179 25.32 -0.79 13.83
N ALA D 180 26.60 -1.02 13.59
CA ALA D 180 27.15 -1.46 12.28
C ALA D 180 27.43 -2.96 12.35
N GLY D 181 27.20 -3.68 11.26
CA GLY D 181 27.51 -5.11 11.11
C GLY D 181 28.47 -5.33 9.96
N THR D 182 29.29 -6.38 10.04
CA THR D 182 30.23 -6.82 8.97
C THR D 182 30.43 -8.33 9.09
N GLU D 183 30.78 -8.99 7.98
CA GLU D 183 31.10 -10.44 7.95
C GLU D 183 32.59 -10.62 8.26
N SER D 184 33.38 -9.54 8.16
CA SER D 184 34.84 -9.52 8.41
C SER D 184 35.15 -10.02 9.83
N SER D 185 36.21 -10.81 9.96
CA SER D 185 36.80 -11.28 11.25
C SER D 185 38.19 -10.66 11.44
N ASP D 186 38.54 -9.65 10.63
CA ASP D 186 39.88 -9.03 10.59
C ASP D 186 39.92 -7.84 11.56
N LEU D 187 40.87 -7.85 12.50
CA LEU D 187 41.01 -6.83 13.58
C LEU D 187 41.06 -5.43 12.96
N GLN D 188 41.96 -5.20 12.00
CA GLN D 188 42.26 -3.84 11.46
C GLN D 188 41.03 -3.28 10.75
N GLN D 189 40.37 -4.08 9.88
CA GLN D 189 39.12 -3.70 9.17
C GLN D 189 38.08 -3.24 10.18
N ILE D 190 37.88 -4.00 11.27
CA ILE D 190 36.85 -3.76 12.32
C ILE D 190 37.17 -2.43 13.04
N VAL D 191 38.45 -2.20 13.35
CA VAL D 191 38.91 -0.98 14.11
C VAL D 191 38.66 0.26 13.24
N ASN D 192 39.02 0.19 11.95
CA ASN D 192 38.86 1.32 10.98
C ASN D 192 37.41 1.82 11.02
N ILE D 193 36.44 0.90 11.00
CA ILE D 193 34.98 1.23 11.01
C ILE D 193 34.60 1.82 12.37
N LEU D 194 35.10 1.24 13.47
CA LEU D 194 34.84 1.69 14.86
C LEU D 194 35.32 3.13 15.06
N GLU D 195 36.50 3.47 14.53
CA GLU D 195 37.19 4.77 14.77
C GLU D 195 36.55 5.88 13.92
N SER D 196 35.90 5.53 12.80
CA SER D 196 35.25 6.48 11.85
C SER D 196 34.15 7.27 12.57
N THR D 197 33.50 6.67 13.56
CA THR D 197 32.29 7.19 14.24
C THR D 197 32.35 6.89 15.74
N SER D 198 31.97 7.84 16.59
CA SER D 198 31.93 7.66 18.07
C SER D 198 30.61 6.97 18.47
N ASP D 199 30.64 6.23 19.58
CA ASP D 199 29.46 5.61 20.26
C ASP D 199 28.75 4.64 19.29
N LEU D 200 29.50 4.04 18.37
CA LEU D 200 28.98 3.09 17.34
C LEU D 200 29.37 1.66 17.75
N LEU D 201 28.39 0.81 18.05
CA LEU D 201 28.60 -0.64 18.24
C LEU D 201 28.90 -1.24 16.87
N LEU D 202 29.78 -2.24 16.81
CA LEU D 202 30.15 -2.95 15.56
C LEU D 202 30.19 -4.45 15.84
N THR D 203 29.29 -5.20 15.20
CA THR D 203 29.20 -6.68 15.28
C THR D 203 29.98 -7.26 14.09
N SER D 204 30.57 -8.45 14.27
CA SER D 204 31.57 -9.05 13.34
C SER D 204 31.69 -10.56 13.58
N SER D 205 32.56 -11.22 12.81
CA SER D 205 32.87 -12.67 12.94
C SER D 205 34.20 -12.86 13.67
N TYR D 206 34.75 -11.79 14.25
CA TYR D 206 36.05 -11.79 14.98
C TYR D 206 36.16 -13.01 15.91
N LEU D 207 35.14 -13.25 16.73
CA LEU D 207 35.15 -14.27 17.82
C LEU D 207 34.74 -15.65 17.28
N SER D 208 34.36 -15.75 16.00
CA SER D 208 33.96 -17.01 15.31
C SER D 208 35.08 -17.56 14.44
N ASN D 209 36.03 -16.71 14.03
CA ASN D 209 37.24 -17.11 13.25
C ASN D 209 38.34 -17.51 14.23
N SER D 210 38.36 -18.78 14.65
CA SER D 210 39.15 -19.26 15.81
C SER D 210 39.35 -20.78 15.75
N THR D 211 40.45 -21.27 16.33
CA THR D 211 40.69 -22.69 16.67
C THR D 211 39.85 -23.06 17.90
N PHE D 212 39.37 -22.04 18.63
CA PHE D 212 38.49 -22.15 19.83
C PHE D 212 39.28 -22.76 21.00
N THR D 213 40.61 -22.62 20.99
CA THR D 213 41.52 -22.96 22.12
C THR D 213 41.50 -21.80 23.11
N GLY D 214 41.83 -22.06 24.38
CA GLY D 214 41.83 -21.05 25.44
C GLY D 214 42.78 -19.90 25.13
N GLU D 215 44.00 -20.23 24.71
CA GLU D 215 45.06 -19.23 24.38
C GLU D 215 44.61 -18.36 23.20
N ARG D 216 43.96 -18.95 22.20
CA ARG D 216 43.47 -18.21 21.01
C ARG D 216 42.34 -17.27 21.42
N THR D 217 41.38 -17.76 22.22
CA THR D 217 40.23 -16.97 22.73
C THR D 217 40.76 -15.80 23.56
N GLU D 218 41.69 -16.07 24.48
CA GLU D 218 42.39 -15.05 25.30
C GLU D 218 43.07 -14.03 24.38
N SER D 219 43.86 -14.50 23.40
CA SER D 219 44.61 -13.65 22.44
C SER D 219 43.65 -12.70 21.72
N LEU D 220 42.62 -13.26 21.08
CA LEU D 220 41.59 -12.50 20.32
C LEU D 220 41.01 -11.38 21.20
N VAL D 221 40.58 -11.71 22.42
CA VAL D 221 39.88 -10.76 23.34
C VAL D 221 40.85 -9.67 23.78
N THR D 222 42.05 -10.04 24.28
CA THR D 222 43.04 -9.09 24.84
C THR D 222 43.59 -8.18 23.72
N ARG D 223 43.79 -8.72 22.51
CA ARG D 223 44.30 -7.94 21.35
C ARG D 223 43.27 -6.87 20.96
N PHE D 224 41.98 -7.25 20.94
CA PHE D 224 40.87 -6.36 20.50
C PHE D 224 40.74 -5.18 21.48
N LEU D 225 40.74 -5.48 22.78
CA LEU D 225 40.62 -4.48 23.87
C LEU D 225 41.83 -3.53 23.84
N ASN D 226 43.01 -4.04 23.48
CA ASN D 226 44.28 -3.26 23.36
C ASN D 226 44.17 -2.27 22.20
N ALA D 227 43.46 -2.62 21.13
CA ALA D 227 43.33 -1.82 19.89
C ALA D 227 42.26 -0.73 20.06
N THR D 228 41.20 -1.00 20.82
CA THR D 228 40.01 -0.12 20.97
C THR D 228 40.08 0.68 22.28
N GLY D 229 41.12 0.45 23.10
CA GLY D 229 41.40 1.21 24.33
C GLY D 229 40.16 1.48 25.18
N SER D 230 39.75 2.75 25.24
CA SER D 230 38.76 3.31 26.21
C SER D 230 37.33 3.28 25.65
N GLN D 231 37.17 3.21 24.32
CA GLN D 231 35.86 3.11 23.63
C GLN D 231 35.00 2.01 24.28
N TRP D 232 33.68 2.21 24.37
CA TRP D 232 32.72 1.18 24.83
C TRP D 232 32.48 0.17 23.71
N CYS D 233 33.04 -1.03 23.84
CA CYS D 233 32.97 -2.13 22.84
C CYS D 233 31.63 -2.86 22.92
N SER D 234 31.27 -3.57 21.85
CA SER D 234 30.20 -4.61 21.82
C SER D 234 30.87 -5.98 21.70
N TRP D 235 30.18 -7.04 22.09
CA TRP D 235 30.68 -8.45 22.03
C TRP D 235 29.64 -9.36 21.39
N SER D 236 29.97 -9.92 20.22
CA SER D 236 29.10 -10.82 19.42
C SER D 236 29.97 -11.91 18.77
N VAL D 237 29.34 -12.86 18.06
CA VAL D 237 30.05 -13.92 17.28
C VAL D 237 29.75 -13.75 15.77
N SER D 238 28.67 -13.04 15.43
CA SER D 238 28.33 -12.62 14.04
C SER D 238 27.51 -11.33 14.07
N GLN D 239 27.21 -10.79 12.88
CA GLN D 239 26.43 -9.54 12.71
C GLN D 239 24.93 -9.85 12.67
N ALA D 240 24.55 -11.12 12.61
CA ALA D 240 23.16 -11.57 12.33
C ALA D 240 22.89 -12.99 12.83
N GLY D 241 23.71 -13.97 12.42
CA GLY D 241 23.43 -15.41 12.56
C GLY D 241 23.36 -15.89 14.01
N LEU D 242 22.92 -17.14 14.21
CA LEU D 242 22.78 -17.80 15.54
C LEU D 242 24.16 -18.22 16.03
N LEU D 243 24.38 -18.15 17.35
CA LEU D 243 25.67 -18.49 18.01
C LEU D 243 26.00 -19.96 17.76
N ALA D 244 24.99 -20.85 17.80
CA ALA D 244 25.14 -22.32 17.64
C ALA D 244 25.56 -22.68 16.22
N ASP D 245 25.47 -21.76 15.26
CA ASP D 245 25.86 -22.00 13.84
C ASP D 245 27.35 -21.72 13.64
N PHE D 246 27.99 -20.98 14.55
CA PHE D 246 29.41 -20.54 14.44
C PHE D 246 30.29 -21.18 15.52
N ILE D 247 29.73 -21.45 16.71
CA ILE D 247 30.49 -21.94 17.90
C ILE D 247 30.22 -23.44 18.08
N PRO D 248 31.27 -24.28 18.24
CA PRO D 248 31.08 -25.71 18.52
C PRO D 248 30.17 -25.95 19.74
N ASP D 249 29.32 -26.99 19.66
CA ASP D 249 28.30 -27.29 20.69
C ASP D 249 28.92 -27.34 22.09
N HIS D 250 30.11 -27.92 22.22
CA HIS D 250 30.77 -28.18 23.53
C HIS D 250 31.24 -26.88 24.18
N LEU D 251 31.21 -25.74 23.46
CA LEU D 251 31.68 -24.42 23.98
C LEU D 251 30.51 -23.43 24.13
N LEU D 252 29.27 -23.83 23.83
CA LEU D 252 28.11 -22.91 23.77
C LEU D 252 27.89 -22.22 25.12
N ARG D 253 27.94 -22.98 26.22
CA ARG D 253 27.73 -22.46 27.60
C ARG D 253 28.92 -21.56 27.98
N LEU D 254 30.13 -21.98 27.60
CA LEU D 254 31.41 -21.28 27.89
C LEU D 254 31.42 -19.92 27.20
N TYR D 255 30.93 -19.84 25.96
CA TYR D 255 30.89 -18.59 25.15
C TYR D 255 29.81 -17.65 25.70
N GLN D 256 28.66 -18.21 26.09
CA GLN D 256 27.57 -17.45 26.76
C GLN D 256 28.16 -16.70 27.96
N LEU D 257 28.90 -17.40 28.82
CA LEU D 257 29.57 -16.82 30.01
C LEU D 257 30.55 -15.73 29.55
N LEU D 258 31.41 -16.06 28.59
CA LEU D 258 32.44 -15.15 28.02
C LEU D 258 31.78 -13.84 27.58
N LEU D 259 30.70 -13.93 26.79
CA LEU D 259 30.05 -12.77 26.14
C LEU D 259 29.43 -11.85 27.21
N PHE D 260 28.82 -12.42 28.26
CA PHE D 260 28.07 -11.67 29.30
C PHE D 260 29.03 -10.93 30.24
N THR D 261 30.28 -11.40 30.37
CA THR D 261 31.21 -10.96 31.45
C THR D 261 32.41 -10.19 30.90
N LEU D 262 32.52 -10.00 29.57
CA LEU D 262 33.55 -9.11 28.97
C LEU D 262 33.03 -7.68 28.99
N PRO D 263 33.91 -6.65 29.11
CA PRO D 263 33.47 -5.28 29.30
C PRO D 263 32.84 -4.71 28.03
N GLY D 264 31.56 -4.35 28.09
CA GLY D 264 30.79 -3.81 26.96
C GLY D 264 29.40 -4.40 26.86
N THR D 265 28.74 -4.22 25.71
CA THR D 265 27.34 -4.65 25.44
C THR D 265 27.36 -5.97 24.67
N PRO D 266 26.88 -7.08 25.26
CA PRO D 266 26.74 -8.34 24.55
C PRO D 266 25.53 -8.31 23.60
N VAL D 267 25.68 -8.90 22.40
CA VAL D 267 24.65 -8.88 21.32
C VAL D 267 24.35 -10.32 20.89
N PHE D 268 23.09 -10.75 21.05
CA PHE D 268 22.59 -12.11 20.68
C PHE D 268 21.51 -11.97 19.61
N SER D 269 21.20 -13.09 18.96
CA SER D 269 20.03 -13.27 18.05
C SER D 269 19.04 -14.20 18.76
N TYR D 270 17.75 -14.09 18.43
CA TYR D 270 16.67 -14.91 19.06
C TYR D 270 17.02 -16.39 18.85
N GLY D 271 16.96 -17.17 19.92
CA GLY D 271 17.28 -18.62 19.90
C GLY D 271 18.64 -18.92 20.51
N ASP D 272 19.48 -17.91 20.73
CA ASP D 272 20.83 -18.08 21.32
C ASP D 272 20.68 -18.55 22.77
N GLU D 273 19.61 -18.09 23.45
CA GLU D 273 19.28 -18.48 24.84
C GLU D 273 18.85 -19.95 24.89
N LEU D 274 18.38 -20.52 23.77
CA LEU D 274 17.93 -21.93 23.63
C LEU D 274 19.04 -22.82 23.06
N GLY D 275 20.03 -22.23 22.40
CA GLY D 275 21.01 -22.98 21.58
C GLY D 275 20.40 -23.40 20.26
N LEU D 276 19.53 -22.56 19.72
CA LEU D 276 18.79 -22.80 18.45
C LEU D 276 19.78 -22.72 17.28
N GLN D 277 19.68 -23.65 16.34
CA GLN D 277 20.50 -23.71 15.11
C GLN D 277 19.65 -23.27 13.91
N GLY D 278 20.26 -22.59 12.94
CA GLY D 278 19.62 -22.14 11.69
C GLY D 278 19.78 -23.18 10.60
N ALA D 279 19.47 -22.81 9.35
CA ALA D 279 19.63 -23.64 8.15
C ALA D 279 21.00 -24.34 8.17
N LEU D 280 21.04 -25.61 7.79
CA LEU D 280 22.28 -26.42 7.66
C LEU D 280 23.13 -25.86 6.52
N PRO D 281 24.46 -26.07 6.52
CA PRO D 281 25.31 -25.67 5.39
C PRO D 281 24.81 -26.11 4.00
N GLY D 282 23.94 -27.13 3.94
CA GLY D 282 23.27 -27.60 2.72
C GLY D 282 21.77 -27.33 2.75
N GLN D 283 21.38 -26.05 2.91
CA GLN D 283 19.96 -25.57 2.87
C GLN D 283 19.92 -24.09 2.51
N PRO D 284 18.78 -23.55 2.03
CA PRO D 284 18.63 -22.11 1.81
C PRO D 284 18.66 -21.34 3.14
N ALA D 285 19.69 -20.52 3.34
CA ALA D 285 19.99 -19.78 4.60
C ALA D 285 18.82 -18.85 4.95
N LYS D 286 17.82 -19.37 5.67
CA LYS D 286 16.63 -18.61 6.14
C LYS D 286 16.29 -19.01 7.58
N ALA D 287 15.91 -18.03 8.40
CA ALA D 287 15.84 -18.11 9.88
C ALA D 287 14.83 -19.17 10.31
N PRO D 288 15.14 -19.96 11.36
CA PRO D 288 14.21 -20.96 11.89
C PRO D 288 13.12 -20.36 12.76
N LEU D 289 12.06 -21.13 13.04
CA LEU D 289 10.96 -20.72 13.94
C LEU D 289 11.48 -20.71 15.38
N MET D 290 11.12 -19.70 16.16
CA MET D 290 11.34 -19.65 17.64
C MET D 290 10.46 -20.72 18.27
N PRO D 291 11.05 -21.83 18.80
CA PRO D 291 10.26 -22.96 19.28
C PRO D 291 9.67 -22.70 20.67
N TRP D 292 8.55 -21.96 20.73
CA TRP D 292 7.81 -21.66 21.99
C TRP D 292 7.39 -22.98 22.65
N ASN D 293 6.76 -23.86 21.87
CA ASN D 293 6.42 -25.25 22.25
C ASN D 293 6.68 -26.16 21.04
N GLU D 294 6.31 -27.45 21.14
CA GLU D 294 6.66 -28.49 20.15
C GLU D 294 5.90 -28.28 18.83
N SER D 295 4.88 -27.41 18.81
CA SER D 295 4.06 -27.12 17.60
C SER D 295 4.79 -26.15 16.66
N SER D 296 6.03 -25.76 16.97
CA SER D 296 6.89 -24.90 16.11
C SER D 296 8.36 -25.28 16.27
N ILE D 297 8.67 -26.58 16.37
CA ILE D 297 10.06 -27.13 16.43
C ILE D 297 10.26 -28.00 15.19
N PHE D 298 11.51 -28.11 14.73
CA PHE D 298 11.89 -28.90 13.52
C PHE D 298 13.26 -29.56 13.74
N HIS D 299 13.43 -30.76 13.17
CA HIS D 299 14.69 -31.57 13.12
C HIS D 299 14.93 -32.26 14.47
N ILE D 300 13.99 -32.20 15.42
CA ILE D 300 14.12 -32.77 16.80
C ILE D 300 12.86 -33.59 17.11
N PRO D 301 12.96 -34.94 17.14
CA PRO D 301 11.82 -35.80 17.46
C PRO D 301 11.61 -35.98 18.97
N ARG D 302 10.50 -36.61 19.36
CA ARG D 302 10.27 -37.10 20.75
C ARG D 302 11.24 -38.25 21.01
N PRO D 303 11.65 -38.51 22.27
CA PRO D 303 11.24 -37.70 23.43
C PRO D 303 12.13 -36.47 23.73
N VAL D 304 13.25 -36.30 23.00
CA VAL D 304 14.29 -35.27 23.30
C VAL D 304 13.70 -33.87 23.06
N SER D 305 12.71 -33.74 22.16
CA SER D 305 12.01 -32.48 21.83
C SER D 305 11.46 -31.80 23.09
N LEU D 306 11.11 -32.58 24.12
CA LEU D 306 10.61 -32.09 25.44
C LEU D 306 11.60 -31.12 26.06
N ASN D 307 12.88 -31.16 25.66
CA ASN D 307 14.00 -30.42 26.31
C ASN D 307 14.41 -29.20 25.48
N MET D 308 13.83 -29.02 24.29
CA MET D 308 14.39 -28.16 23.22
C MET D 308 13.38 -27.08 22.78
N THR D 309 12.48 -26.68 23.68
CA THR D 309 11.51 -25.56 23.47
C THR D 309 11.69 -24.55 24.60
N VAL D 310 11.09 -23.37 24.45
CA VAL D 310 11.06 -22.31 25.50
C VAL D 310 10.34 -22.88 26.73
N LYS D 311 9.16 -23.50 26.54
CA LYS D 311 8.36 -24.10 27.65
C LYS D 311 9.18 -25.22 28.31
N GLY D 312 9.95 -25.98 27.53
CA GLY D 312 10.77 -27.12 27.98
C GLY D 312 11.94 -26.69 28.84
N GLN D 313 12.70 -25.68 28.39
CA GLN D 313 13.92 -25.18 29.07
C GLN D 313 13.53 -24.26 30.25
N ASN D 314 12.29 -23.77 30.27
CA ASN D 314 11.77 -22.77 31.25
C ASN D 314 11.97 -23.27 32.69
N GLU D 315 11.57 -24.51 32.97
CA GLU D 315 11.57 -25.10 34.35
C GLU D 315 12.87 -25.89 34.59
N ASP D 316 13.69 -26.08 33.56
CA ASP D 316 14.88 -26.96 33.57
C ASP D 316 16.06 -26.21 34.20
N PRO D 317 16.49 -26.56 35.43
CA PRO D 317 17.62 -25.88 36.08
C PRO D 317 18.92 -25.88 35.26
N GLY D 318 19.15 -26.92 34.46
CA GLY D 318 20.42 -27.16 33.73
C GLY D 318 20.37 -26.72 32.28
N SER D 319 19.30 -26.04 31.85
CA SER D 319 19.11 -25.60 30.44
C SER D 319 19.90 -24.32 30.18
N LEU D 320 20.14 -24.01 28.90
CA LEU D 320 20.83 -22.78 28.44
C LEU D 320 19.97 -21.55 28.75
N LEU D 321 18.64 -21.70 28.71
CA LEU D 321 17.66 -20.61 29.01
C LEU D 321 17.82 -20.17 30.47
N THR D 322 18.12 -21.10 31.38
CA THR D 322 18.32 -20.81 32.83
C THR D 322 19.65 -20.07 33.01
N GLN D 323 20.71 -20.54 32.34
CA GLN D 323 22.07 -19.91 32.41
C GLN D 323 21.98 -18.50 31.82
N PHE D 324 21.29 -18.33 30.69
CA PHE D 324 21.14 -17.02 29.99
C PHE D 324 20.46 -16.03 30.93
N ARG D 325 19.37 -16.45 31.58
CA ARG D 325 18.56 -15.61 32.52
C ARG D 325 19.43 -15.22 33.73
N ARG D 326 20.16 -16.19 34.27
CA ARG D 326 21.03 -16.02 35.48
C ARG D 326 22.11 -14.97 35.17
N LEU D 327 22.84 -15.15 34.06
CA LEU D 327 23.98 -14.27 33.67
C LEU D 327 23.46 -12.89 33.27
N SER D 328 22.36 -12.84 32.51
CA SER D 328 21.69 -11.58 32.07
C SER D 328 21.24 -10.77 33.30
N ASP D 329 20.72 -11.45 34.32
CA ASP D 329 20.26 -10.81 35.59
C ASP D 329 21.46 -10.16 36.28
N LEU D 330 22.55 -10.90 36.47
CA LEU D 330 23.81 -10.39 37.10
C LEU D 330 24.33 -9.19 36.31
N ARG D 331 24.42 -9.34 34.98
CA ARG D 331 24.92 -8.27 34.06
C ARG D 331 24.12 -6.98 34.26
N GLY D 332 22.84 -7.10 34.64
CA GLY D 332 21.89 -5.98 34.77
C GLY D 332 22.10 -5.16 36.04
N LYS D 333 22.55 -5.78 37.14
CA LYS D 333 22.44 -5.20 38.51
C LYS D 333 23.80 -5.06 39.21
N GLU D 334 24.86 -5.70 38.72
CA GLU D 334 26.21 -5.65 39.36
C GLU D 334 27.04 -4.53 38.70
N ARG D 335 27.53 -3.57 39.50
CA ARG D 335 28.19 -2.32 39.03
C ARG D 335 29.51 -2.65 38.31
N SER D 336 30.22 -3.68 38.78
CA SER D 336 31.50 -4.15 38.19
C SER D 336 31.25 -4.76 36.81
N LEU D 337 30.12 -5.45 36.62
CA LEU D 337 29.72 -6.02 35.30
C LEU D 337 29.06 -4.96 34.43
N LEU D 338 28.46 -3.92 35.06
CA LEU D 338 27.72 -2.85 34.35
C LEU D 338 28.70 -1.90 33.64
N HIS D 339 29.78 -1.50 34.31
CA HIS D 339 30.82 -0.59 33.74
C HIS D 339 32.12 -0.69 34.56
N GLY D 340 32.65 -1.91 34.72
CA GLY D 340 33.94 -2.18 35.39
C GLY D 340 35.07 -2.36 34.39
N ASP D 341 36.31 -2.08 34.83
CA ASP D 341 37.53 -2.28 33.99
C ASP D 341 37.78 -3.79 33.88
N PHE D 342 38.79 -4.18 33.10
CA PHE D 342 39.13 -5.59 32.78
C PHE D 342 40.63 -5.79 32.99
N HIS D 343 41.03 -6.89 33.64
CA HIS D 343 42.45 -7.32 33.77
C HIS D 343 42.53 -8.84 33.62
N ALA D 344 43.22 -9.32 32.58
CA ALA D 344 43.56 -10.74 32.35
C ALA D 344 44.48 -11.22 33.47
N LEU D 345 44.35 -12.48 33.88
CA LEU D 345 45.21 -13.16 34.89
C LEU D 345 46.05 -14.21 34.18
N SER D 346 47.27 -14.47 34.65
CA SER D 346 48.07 -15.66 34.27
C SER D 346 47.37 -16.89 34.84
N SER D 347 47.34 -17.98 34.08
CA SER D 347 46.69 -19.27 34.43
C SER D 347 47.37 -20.41 33.68
N SER D 348 46.93 -21.65 33.90
CA SER D 348 47.38 -22.83 33.14
C SER D 348 47.18 -22.56 31.65
N PRO D 349 47.98 -23.18 30.75
CA PRO D 349 47.72 -23.10 29.32
C PRO D 349 46.28 -23.49 28.96
N ASP D 350 45.60 -22.65 28.17
CA ASP D 350 44.26 -22.87 27.55
C ASP D 350 43.15 -22.66 28.60
N LEU D 351 43.48 -22.09 29.76
CA LEU D 351 42.47 -21.49 30.67
C LEU D 351 42.56 -19.97 30.52
N PHE D 352 41.43 -19.30 30.25
CA PHE D 352 41.33 -17.84 30.11
C PHE D 352 40.61 -17.29 31.34
N SER D 353 41.38 -16.72 32.27
CA SER D 353 40.92 -16.10 33.54
C SER D 353 41.06 -14.58 33.46
N TYR D 354 40.11 -13.84 34.04
CA TYR D 354 40.10 -12.35 34.07
C TYR D 354 39.20 -11.83 35.19
N ILE D 355 39.41 -10.56 35.56
CA ILE D 355 38.75 -9.87 36.70
C ILE D 355 37.95 -8.68 36.15
N ARG D 356 36.72 -8.51 36.64
CA ARG D 356 35.88 -7.30 36.43
C ARG D 356 35.78 -6.57 37.77
N HIS D 357 36.09 -5.27 37.79
CA HIS D 357 36.18 -4.45 39.02
C HIS D 357 35.84 -2.99 38.71
N TRP D 358 34.98 -2.38 39.54
CA TRP D 358 34.67 -0.93 39.51
C TRP D 358 34.89 -0.36 40.92
N ASP D 359 35.89 0.51 41.08
CA ASP D 359 36.24 1.19 42.34
C ASP D 359 36.34 0.12 43.45
N GLN D 360 35.52 0.22 44.50
CA GLN D 360 35.57 -0.65 45.71
C GLN D 360 34.40 -1.64 45.70
N ASN D 361 33.58 -1.64 44.62
CA ASN D 361 32.44 -2.58 44.43
C ASN D 361 32.96 -4.01 44.28
N GLU D 362 32.06 -5.01 44.39
CA GLU D 362 32.38 -6.46 44.32
C GLU D 362 33.20 -6.76 43.05
N ARG D 363 34.33 -7.44 43.23
CA ARG D 363 35.14 -7.99 42.11
C ARG D 363 34.43 -9.22 41.56
N TYR D 364 34.59 -9.49 40.27
CA TYR D 364 34.07 -10.72 39.59
C TYR D 364 35.26 -11.43 38.91
N LEU D 365 35.56 -12.64 39.37
CA LEU D 365 36.62 -13.52 38.83
C LEU D 365 35.97 -14.53 37.88
N VAL D 366 36.38 -14.52 36.61
CA VAL D 366 35.90 -15.47 35.55
C VAL D 366 37.06 -16.39 35.19
N VAL D 367 36.83 -17.70 35.18
CA VAL D 367 37.85 -18.74 34.85
C VAL D 367 37.23 -19.73 33.85
N LEU D 368 37.73 -19.76 32.62
CA LEU D 368 37.20 -20.56 31.49
C LEU D 368 38.23 -21.63 31.11
N ASN D 369 37.88 -22.91 31.26
CA ASN D 369 38.69 -24.07 30.81
C ASN D 369 38.21 -24.47 29.42
N PHE D 370 39.06 -24.29 28.39
CA PHE D 370 38.77 -24.56 26.96
C PHE D 370 39.34 -25.93 26.56
N ARG D 371 39.73 -26.73 27.55
CA ARG D 371 40.29 -28.10 27.35
C ARG D 371 39.27 -29.15 27.82
N ASP D 372 39.31 -30.35 27.23
CA ASP D 372 38.36 -31.47 27.53
C ASP D 372 39.00 -32.39 28.58
N SER D 373 39.34 -31.83 29.74
CA SER D 373 40.02 -32.52 30.86
C SER D 373 39.98 -31.66 32.12
N GLY D 374 40.08 -32.30 33.29
CA GLY D 374 40.35 -31.62 34.57
C GLY D 374 41.62 -30.80 34.48
N ARG D 375 41.59 -29.55 34.95
CA ARG D 375 42.75 -28.63 34.91
C ARG D 375 42.75 -27.77 36.17
N SER D 376 43.92 -27.60 36.79
CA SER D 376 44.19 -26.58 37.84
C SER D 376 44.23 -25.19 37.18
N ALA D 377 43.57 -24.20 37.76
CA ALA D 377 43.55 -22.80 37.29
C ALA D 377 44.97 -22.21 37.38
N ARG D 378 45.69 -22.53 38.46
CA ARG D 378 47.03 -21.96 38.79
C ARG D 378 46.99 -20.45 38.56
N LEU D 379 46.02 -19.77 39.16
CA LEU D 379 45.77 -18.31 38.98
C LEU D 379 46.97 -17.53 39.50
N GLY D 380 47.48 -16.58 38.69
CA GLY D 380 48.55 -15.64 39.07
C GLY D 380 48.05 -14.20 38.95
N ALA D 381 48.05 -13.47 40.05
CA ALA D 381 47.40 -12.14 40.18
C ALA D 381 48.43 -11.08 40.62
N SER D 382 49.72 -11.39 40.49
CA SER D 382 50.85 -10.59 41.04
C SER D 382 50.99 -9.25 40.31
N ASN D 383 50.67 -9.21 39.01
CA ASN D 383 50.90 -8.04 38.12
C ASN D 383 49.63 -7.20 38.00
N LEU D 384 48.58 -7.49 38.79
CA LEU D 384 47.34 -6.67 38.86
C LEU D 384 47.65 -5.36 39.57
N PRO D 385 46.84 -4.29 39.38
CA PRO D 385 47.03 -3.04 40.11
C PRO D 385 46.75 -3.21 41.61
N ALA D 386 47.40 -2.39 42.44
CA ALA D 386 47.20 -2.30 43.90
C ALA D 386 45.70 -2.23 44.19
N GLY D 387 45.24 -2.95 45.22
CA GLY D 387 43.84 -2.96 45.67
C GLY D 387 43.04 -4.12 45.08
N ILE D 388 43.58 -4.80 44.07
CA ILE D 388 42.98 -6.04 43.49
C ILE D 388 43.89 -7.23 43.86
N SER D 389 43.45 -8.01 44.85
CA SER D 389 44.17 -9.19 45.39
C SER D 389 43.18 -10.34 45.59
N LEU D 390 43.53 -11.55 45.15
CA LEU D 390 42.68 -12.77 45.30
C LEU D 390 42.60 -13.13 46.78
N PRO D 391 41.40 -13.36 47.33
CA PRO D 391 41.25 -13.88 48.69
C PRO D 391 41.49 -15.40 48.71
N ALA D 392 41.52 -15.99 49.91
CA ALA D 392 41.72 -17.43 50.14
C ALA D 392 40.57 -18.24 49.52
N SER D 393 39.34 -17.71 49.60
CA SER D 393 38.10 -18.33 49.06
C SER D 393 37.17 -17.24 48.51
N ALA D 394 36.22 -17.62 47.65
CA ALA D 394 35.26 -16.71 46.98
C ALA D 394 33.97 -17.45 46.62
N LYS D 395 32.86 -16.72 46.59
CA LYS D 395 31.50 -17.22 46.30
C LYS D 395 31.40 -17.60 44.82
N LEU D 396 30.97 -18.83 44.52
CA LEU D 396 30.65 -19.29 43.15
C LEU D 396 29.21 -18.84 42.82
N LEU D 397 29.05 -17.93 41.86
CA LEU D 397 27.72 -17.44 41.40
C LEU D 397 27.15 -18.41 40.36
N LEU D 398 27.97 -18.81 39.38
CA LEU D 398 27.56 -19.79 38.34
C LEU D 398 28.77 -20.57 37.83
N SER D 399 28.67 -21.90 37.80
CA SER D 399 29.47 -22.82 36.95
C SER D 399 28.64 -23.21 35.72
N THR D 400 29.28 -23.30 34.55
CA THR D 400 28.64 -23.74 33.28
C THR D 400 28.51 -25.27 33.28
N ASP D 401 29.19 -25.96 34.21
CA ASP D 401 29.02 -27.41 34.48
C ASP D 401 27.77 -27.59 35.34
N SER D 402 26.67 -28.05 34.75
CA SER D 402 25.34 -28.21 35.38
C SER D 402 25.44 -29.06 36.64
N ALA D 403 26.26 -30.12 36.60
CA ALA D 403 26.54 -31.04 37.74
C ALA D 403 27.01 -30.20 38.93
N ARG D 404 28.04 -29.36 38.73
CA ARG D 404 28.66 -28.54 39.79
C ARG D 404 27.69 -27.43 40.23
N GLN D 405 26.96 -26.83 39.28
CA GLN D 405 26.02 -25.70 39.56
C GLN D 405 24.92 -26.18 40.52
N SER D 406 24.47 -27.42 40.36
CA SER D 406 23.37 -28.05 41.15
C SER D 406 23.88 -28.49 42.53
N ARG D 407 25.19 -28.39 42.78
CA ARG D 407 25.83 -28.86 44.04
C ARG D 407 26.56 -27.72 44.77
N GLU D 408 27.04 -26.69 44.05
CA GLU D 408 27.98 -25.68 44.61
C GLU D 408 27.55 -24.24 44.31
N GLU D 409 26.41 -24.00 43.66
CA GLU D 409 25.93 -22.60 43.40
C GLU D 409 25.87 -21.85 44.73
N ASP D 410 26.41 -20.62 44.77
CA ASP D 410 26.41 -19.74 45.96
C ASP D 410 27.10 -20.44 47.13
N THR D 411 28.20 -21.15 46.88
CA THR D 411 29.07 -21.76 47.92
C THR D 411 30.47 -21.15 47.83
N SER D 412 31.24 -21.23 48.91
CA SER D 412 32.65 -20.75 49.02
C SER D 412 33.60 -21.82 48.45
N LEU D 413 34.48 -21.43 47.52
CA LEU D 413 35.50 -22.31 46.89
C LEU D 413 36.91 -21.76 47.16
N LYS D 414 37.85 -22.62 47.55
CA LYS D 414 39.28 -22.26 47.78
C LYS D 414 39.96 -22.04 46.43
N LEU D 415 40.57 -20.86 46.25
CA LEU D 415 41.13 -20.38 44.96
C LEU D 415 42.54 -20.95 44.72
N GLU D 416 43.31 -21.18 45.79
CA GLU D 416 44.75 -21.56 45.71
C GLU D 416 44.90 -22.90 44.95
N ASN D 417 43.98 -23.84 45.17
CA ASN D 417 44.01 -25.20 44.56
C ASN D 417 42.81 -25.39 43.62
N LEU D 418 42.23 -24.28 43.12
CA LEU D 418 41.03 -24.28 42.25
C LEU D 418 41.27 -25.22 41.06
N SER D 419 40.32 -26.14 40.81
CA SER D 419 40.33 -27.07 39.65
C SER D 419 39.03 -26.90 38.86
N LEU D 420 39.07 -27.09 37.55
CA LEU D 420 37.89 -26.97 36.66
C LEU D 420 37.67 -28.30 35.92
N ASN D 421 36.40 -28.64 35.70
CA ASN D 421 35.95 -29.84 34.94
C ASN D 421 36.11 -29.56 33.45
N PRO D 422 36.02 -30.57 32.57
CA PRO D 422 36.19 -30.36 31.13
C PRO D 422 35.23 -29.31 30.57
N TYR D 423 35.75 -28.35 29.79
CA TYR D 423 35.01 -27.26 29.11
C TYR D 423 34.17 -26.46 30.14
N GLU D 424 34.60 -26.42 31.40
CA GLU D 424 33.85 -25.76 32.51
C GLU D 424 34.25 -24.28 32.59
N GLY D 425 33.26 -23.41 32.81
CA GLY D 425 33.45 -21.98 33.11
C GLY D 425 32.95 -21.64 34.50
N LEU D 426 33.74 -20.88 35.27
CA LEU D 426 33.37 -20.41 36.63
C LEU D 426 33.24 -18.88 36.64
N LEU D 427 32.17 -18.37 37.26
CA LEU D 427 31.98 -16.95 37.63
C LEU D 427 31.95 -16.90 39.16
N LEU D 428 33.00 -16.33 39.77
CA LEU D 428 33.12 -16.17 41.25
C LEU D 428 33.08 -14.68 41.61
N GLN D 429 32.67 -14.39 42.85
CA GLN D 429 32.50 -13.02 43.41
C GLN D 429 33.33 -12.94 44.70
N PHE D 430 34.00 -11.80 44.92
CA PHE D 430 34.70 -11.48 46.20
C PHE D 430 34.70 -9.97 46.41
N PRO D 431 34.56 -9.48 47.65
CA PRO D 431 34.46 -8.04 47.92
C PRO D 431 35.83 -7.35 48.05
N PHE D 432 35.86 -6.02 47.98
CA PHE D 432 37.06 -5.19 48.30
C PHE D 432 37.33 -5.30 49.81
N VAL D 433 38.61 -5.46 50.19
CA VAL D 433 39.07 -5.61 51.60
C VAL D 433 39.87 -4.35 51.99
N ALA D 434 39.36 -3.58 52.96
CA ALA D 434 39.97 -2.33 53.49
C ALA D 434 40.67 -2.63 54.82
#